data_1GXM
#
_entry.id   1GXM
#
_cell.length_a   47.670
_cell.length_b   106.113
_cell.length_c   55.365
_cell.angle_alpha   90.00
_cell.angle_beta   91.95
_cell.angle_gamma   90.00
#
_symmetry.space_group_name_H-M   'P 1 21 1'
#
loop_
_entity.id
_entity.type
_entity.pdbx_description
1 polymer 'PECTATE LYASE'
2 non-polymer GLYCEROL
3 water water
#
_entity_poly.entity_id   1
_entity_poly.type   'polypeptide(L)'
_entity_poly.pdbx_seq_one_letter_code
;GLVPRGSHMTGRMLTLDGNPAANWLNNARTKWSASRADVVLSYQQNNGGWPKNLDYNSVGNGGGGNESGTIDNGATITEM
VFLAEVYKSGGNTKYRDAVRKAANFLVNSQYSTGALPQFYPLKGGYSDHATFNDNGMAYALTVLDFAANKRAPFDTDVFS
DNDRTRFKTAVTKGTDYILKAQWKQNGVLTVWCAQHGALDYQPKKARAYELESLSGSESVGVLAFLMTQPQTAEIEQAVR
AGVAWFNSPRTYLEGYTYDSSLAATNPIVPRAGSKMWYRFYDLNTNRGFFSDRDGSKFYDITQMSLERRTGYSWGGNYGT
SIINFAQKVGYL
;
_entity_poly.pdbx_strand_id   A,B
#
loop_
_chem_comp.id
_chem_comp.type
_chem_comp.name
_chem_comp.formula
GOL non-polymer GLYCEROL 'C3 H8 O3'
#
# COMPACT_ATOMS: atom_id res chain seq x y z
N MET A 9 -18.05 -27.92 12.79
CA MET A 9 -17.28 -27.49 13.99
C MET A 9 -17.78 -28.21 15.20
N THR A 10 -17.02 -28.04 16.27
CA THR A 10 -17.51 -28.44 17.57
C THR A 10 -17.19 -27.40 18.60
N GLY A 11 -18.26 -26.81 19.10
CA GLY A 11 -18.15 -25.57 19.82
C GLY A 11 -17.70 -24.62 18.73
N ARG A 12 -16.55 -24.01 18.93
CA ARG A 12 -15.96 -23.17 17.91
C ARG A 12 -14.62 -23.77 17.41
N MET A 13 -14.41 -25.07 17.55
CA MET A 13 -13.14 -25.71 17.14
C MET A 13 -13.32 -26.62 15.94
N LEU A 14 -12.54 -26.38 14.90
CA LEU A 14 -12.57 -27.20 13.70
C LEU A 14 -11.68 -28.40 13.86
N THR A 15 -12.00 -29.46 13.13
CA THR A 15 -11.12 -30.62 13.09
C THR A 15 -9.74 -30.25 12.58
N LEU A 16 -8.74 -30.93 13.12
CA LEU A 16 -7.38 -30.81 12.62
C LEU A 16 -7.11 -31.85 11.54
N ASP A 17 -8.04 -32.76 11.35
CA ASP A 17 -7.92 -33.78 10.30
C ASP A 17 -8.04 -33.14 8.92
N GLY A 18 -6.95 -33.17 8.16
CA GLY A 18 -6.86 -32.53 6.87
C GLY A 18 -6.31 -31.11 6.88
N ASN A 19 -6.01 -30.59 8.06
CA ASN A 19 -5.52 -29.23 8.15
C ASN A 19 -4.06 -29.20 7.70
N PRO A 20 -3.74 -28.43 6.67
CA PRO A 20 -2.38 -28.45 6.12
C PRO A 20 -1.27 -28.14 7.13
N ALA A 21 -1.53 -27.22 8.04
CA ALA A 21 -0.55 -26.85 9.05
C ALA A 21 -0.33 -27.99 10.05
N ALA A 22 -1.41 -28.62 10.47
CA ALA A 22 -1.32 -29.77 11.35
C ALA A 22 -0.61 -30.93 10.64
N ASN A 23 -0.89 -31.11 9.36
CA ASN A 23 -0.23 -32.17 8.59
C ASN A 23 1.28 -31.89 8.55
N TRP A 24 1.64 -30.64 8.31
CA TRP A 24 3.05 -30.27 8.29
C TRP A 24 3.70 -30.62 9.64
N LEU A 25 3.05 -30.26 10.73
CA LEU A 25 3.65 -30.43 12.05
C LEU A 25 3.82 -31.91 12.34
N ASN A 26 2.77 -32.67 12.09
CA ASN A 26 2.86 -34.08 12.40
C ASN A 26 3.93 -34.77 11.58
N ASN A 27 4.08 -34.35 10.32
CA ASN A 27 5.17 -34.86 9.50
C ASN A 27 6.55 -34.50 10.05
N ALA A 28 6.67 -33.29 10.58
CA ALA A 28 7.95 -32.82 11.10
C ALA A 28 8.43 -33.65 12.28
N ARG A 29 7.51 -34.28 12.99
CA ARG A 29 7.85 -35.10 14.13
C ARG A 29 8.86 -36.19 13.79
N THR A 30 8.82 -36.66 12.55
CA THR A 30 9.75 -37.66 12.04
C THR A 30 10.46 -37.17 10.79
N LYS A 31 10.82 -35.89 10.74
CA LYS A 31 11.45 -35.34 9.54
C LYS A 31 12.74 -36.07 9.22
N TRP A 32 13.53 -36.35 10.25
CA TRP A 32 14.77 -37.09 10.08
C TRP A 32 14.69 -38.33 10.93
N SER A 33 15.56 -39.28 10.63
CA SER A 33 15.68 -40.47 11.45
C SER A 33 16.09 -40.05 12.86
N ALA A 34 15.61 -40.75 13.86
CA ALA A 34 16.01 -40.43 15.23
C ALA A 34 17.53 -40.50 15.44
N SER A 35 18.21 -41.23 14.56
CA SER A 35 19.67 -41.32 14.57
C SER A 35 20.35 -39.97 14.32
N ARG A 36 19.58 -39.00 13.81
CA ARG A 36 20.10 -37.66 13.52
C ARG A 36 19.80 -36.67 14.61
N ALA A 37 19.17 -37.08 15.69
CA ALA A 37 18.79 -36.15 16.74
C ALA A 37 19.95 -35.37 17.30
N ASP A 38 21.09 -36.05 17.54
CA ASP A 38 22.24 -35.36 18.12
C ASP A 38 22.84 -34.39 17.13
N VAL A 39 22.85 -34.77 15.85
CA VAL A 39 23.33 -33.86 14.82
C VAL A 39 22.44 -32.63 14.79
N VAL A 40 21.13 -32.82 14.71
CA VAL A 40 20.22 -31.68 14.71
C VAL A 40 20.43 -30.81 15.93
N LEU A 41 20.50 -31.45 17.08
CA LEU A 41 20.67 -30.75 18.33
C LEU A 41 21.92 -29.85 18.29
N SER A 42 22.97 -30.40 17.70
CA SER A 42 24.29 -29.78 17.73
C SER A 42 24.40 -28.51 16.89
N TYR A 43 23.41 -28.23 16.05
CA TYR A 43 23.40 -26.99 15.27
C TYR A 43 22.50 -25.91 15.84
N GLN A 44 21.82 -26.19 16.94
CA GLN A 44 21.02 -25.17 17.57
C GLN A 44 21.91 -24.04 18.02
N GLN A 45 21.53 -22.82 17.70
CA GLN A 45 22.28 -21.65 18.10
C GLN A 45 22.00 -21.35 19.55
N ASN A 46 22.84 -20.49 20.13
CA ASN A 46 22.71 -20.11 21.54
C ASN A 46 21.35 -19.52 21.84
N ASN A 47 20.81 -18.80 20.86
CA ASN A 47 19.51 -18.15 21.05
C ASN A 47 18.32 -19.10 21.01
N GLY A 48 18.56 -20.35 20.66
CA GLY A 48 17.54 -21.37 20.57
C GLY A 48 17.01 -21.66 19.18
N GLY A 49 17.31 -20.78 18.24
CA GLY A 49 16.93 -21.00 16.85
C GLY A 49 17.96 -21.83 16.12
N TRP A 50 17.62 -22.23 14.91
CA TRP A 50 18.55 -22.89 14.02
C TRP A 50 18.82 -22.04 12.79
N PRO A 51 19.99 -22.22 12.20
CA PRO A 51 20.26 -21.64 10.89
C PRO A 51 19.53 -22.50 9.87
N LYS A 52 19.37 -21.98 8.66
CA LYS A 52 18.73 -22.76 7.61
C LYS A 52 19.72 -23.55 6.78
N ASN A 53 19.19 -24.50 6.03
CA ASN A 53 19.87 -25.17 4.91
C ASN A 53 21.00 -26.11 5.34
N LEU A 54 20.99 -26.55 6.58
CA LEU A 54 21.97 -27.54 7.02
C LEU A 54 21.54 -28.94 6.58
N ASP A 55 22.47 -29.70 6.03
CA ASP A 55 22.18 -31.05 5.52
C ASP A 55 22.36 -32.07 6.63
N TYR A 56 21.36 -32.18 7.51
CA TYR A 56 21.50 -33.00 8.72
C TYR A 56 21.71 -34.47 8.43
N ASN A 57 21.23 -34.93 7.27
CA ASN A 57 21.41 -36.32 6.89
C ASN A 57 22.82 -36.66 6.44
N SER A 58 23.64 -35.65 6.16
CA SER A 58 25.02 -35.91 5.74
C SER A 58 26.10 -35.42 6.71
N VAL A 59 25.84 -34.31 7.39
CA VAL A 59 26.87 -33.68 8.21
C VAL A 59 27.02 -34.34 9.58
N GLY A 60 28.22 -34.20 10.12
CA GLY A 60 28.51 -34.56 11.50
C GLY A 60 28.04 -33.42 12.39
N ASN A 61 28.27 -33.61 13.69
CA ASN A 61 27.80 -32.64 14.66
C ASN A 61 28.43 -31.29 14.43
N GLY A 62 27.66 -30.26 14.74
CA GLY A 62 28.09 -28.89 14.68
C GLY A 62 28.65 -28.43 15.99
N GLY A 63 28.86 -27.13 16.08
CA GLY A 63 29.39 -26.49 17.27
C GLY A 63 28.47 -25.41 17.79
N GLY A 64 27.18 -25.59 17.52
CA GLY A 64 26.20 -24.62 17.94
C GLY A 64 26.40 -23.37 17.12
N GLY A 65 26.51 -22.26 17.80
CA GLY A 65 26.76 -21.01 17.14
C GLY A 65 26.04 -19.86 17.78
N ASN A 66 26.36 -18.65 17.35
CA ASN A 66 25.79 -17.45 17.93
C ASN A 66 25.12 -16.59 16.89
N GLU A 67 24.71 -17.22 15.80
CA GLU A 67 24.09 -16.49 14.71
C GLU A 67 22.60 -16.37 14.97
N SER A 68 21.97 -15.52 14.18
CA SER A 68 20.52 -15.43 14.23
C SER A 68 19.90 -16.77 13.85
N GLY A 69 18.81 -17.10 14.53
CA GLY A 69 17.97 -18.18 14.11
C GLY A 69 17.05 -17.74 13.00
N THR A 70 16.48 -18.70 12.31
CA THR A 70 15.57 -18.40 11.24
C THR A 70 14.42 -19.37 11.20
N ILE A 71 13.31 -18.88 10.65
CA ILE A 71 12.17 -19.73 10.32
C ILE A 71 11.99 -19.88 8.81
N ASP A 72 13.01 -19.50 8.06
CA ASP A 72 12.99 -19.73 6.63
C ASP A 72 13.30 -21.19 6.32
N ASN A 73 12.75 -21.67 5.21
CA ASN A 73 13.03 -23.03 4.75
C ASN A 73 12.83 -24.08 5.85
N GLY A 74 11.78 -23.89 6.65
CA GLY A 74 11.40 -24.82 7.70
C GLY A 74 12.31 -24.81 8.90
N ALA A 75 13.30 -23.94 8.92
CA ALA A 75 14.25 -23.95 10.01
C ALA A 75 13.57 -23.57 11.32
N THR A 76 14.15 -24.10 12.40
CA THR A 76 13.75 -23.91 13.78
C THR A 76 12.46 -24.66 14.07
N ILE A 77 11.42 -24.35 13.32
CA ILE A 77 10.12 -24.94 13.56
C ILE A 77 10.14 -26.45 13.31
N THR A 78 10.89 -26.90 12.32
CA THR A 78 10.95 -28.32 12.04
C THR A 78 11.81 -29.01 13.09
N GLU A 79 12.99 -28.47 13.33
CA GLU A 79 13.91 -29.05 14.31
C GLU A 79 13.27 -29.18 15.67
N MET A 80 12.52 -28.17 16.09
CA MET A 80 11.97 -28.20 17.45
C MET A 80 10.86 -29.24 17.58
N VAL A 81 10.07 -29.43 16.52
CA VAL A 81 9.00 -30.40 16.57
C VAL A 81 9.63 -31.78 16.61
N PHE A 82 10.62 -32.00 15.74
CA PHE A 82 11.37 -33.22 15.70
C PHE A 82 11.99 -33.57 17.04
N LEU A 83 12.67 -32.63 17.66
CA LEU A 83 13.34 -32.93 18.91
C LEU A 83 12.34 -33.11 20.04
N ALA A 84 11.17 -32.48 19.94
CA ALA A 84 10.14 -32.69 20.94
C ALA A 84 9.67 -34.13 20.88
N GLU A 85 9.54 -34.64 19.66
CA GLU A 85 9.13 -36.01 19.44
C GLU A 85 10.21 -36.95 19.96
N VAL A 86 11.47 -36.64 19.69
CA VAL A 86 12.57 -37.44 20.22
C VAL A 86 12.55 -37.46 21.73
N TYR A 87 12.30 -36.32 22.36
CA TYR A 87 12.17 -36.26 23.80
C TYR A 87 11.02 -37.13 24.29
N LYS A 88 9.89 -37.05 23.60
CA LYS A 88 8.71 -37.81 23.94
C LYS A 88 9.00 -39.30 23.83
N SER A 89 9.74 -39.71 22.80
CA SER A 89 10.05 -41.14 22.58
C SER A 89 11.08 -41.70 23.55
N GLY A 90 12.16 -40.97 23.75
CA GLY A 90 13.33 -41.50 24.43
C GLY A 90 13.63 -40.94 25.82
N GLY A 91 13.00 -39.83 26.17
CA GLY A 91 13.11 -39.24 27.49
C GLY A 91 14.41 -38.52 27.83
N ASN A 92 15.25 -38.31 26.84
CA ASN A 92 16.52 -37.64 27.09
C ASN A 92 16.34 -36.13 27.22
N THR A 93 16.53 -35.60 28.42
CA THR A 93 16.21 -34.20 28.70
C THR A 93 17.07 -33.18 27.95
N LYS A 94 18.20 -33.60 27.35
CA LYS A 94 18.96 -32.66 26.52
C LYS A 94 18.07 -32.16 25.36
N TYR A 95 17.16 -33.00 24.93
CA TYR A 95 16.25 -32.60 23.84
C TYR A 95 15.12 -31.73 24.34
N ARG A 96 14.60 -32.04 25.52
CA ARG A 96 13.66 -31.15 26.21
C ARG A 96 14.24 -29.76 26.34
N ASP A 97 15.49 -29.68 26.74
CA ASP A 97 16.14 -28.39 26.94
C ASP A 97 16.18 -27.62 25.63
N ALA A 98 16.47 -28.32 24.55
CA ALA A 98 16.57 -27.68 23.25
C ALA A 98 15.24 -27.17 22.78
N VAL A 99 14.20 -27.98 22.96
CA VAL A 99 12.86 -27.57 22.59
C VAL A 99 12.44 -26.34 23.38
N ARG A 100 12.75 -26.28 24.67
CA ARG A 100 12.45 -25.11 25.46
C ARG A 100 13.17 -23.86 24.95
N LYS A 101 14.43 -24.02 24.55
CA LYS A 101 15.18 -22.88 24.01
C LYS A 101 14.60 -22.41 22.68
N ALA A 102 14.13 -23.37 21.90
CA ALA A 102 13.54 -23.07 20.59
C ALA A 102 12.22 -22.33 20.71
N ALA A 103 11.37 -22.77 21.65
CA ALA A 103 10.10 -22.08 21.89
C ALA A 103 10.36 -20.68 22.40
N ASN A 104 11.33 -20.55 23.30
CA ASN A 104 11.71 -19.26 23.82
C ASN A 104 12.18 -18.36 22.70
N PHE A 105 12.99 -18.91 21.80
CA PHE A 105 13.46 -18.19 20.63
C PHE A 105 12.29 -17.63 19.82
N LEU A 106 11.33 -18.50 19.51
CA LEU A 106 10.19 -18.06 18.71
C LEU A 106 9.45 -16.92 19.38
N VAL A 107 9.18 -17.06 20.68
CA VAL A 107 8.48 -16.01 21.38
C VAL A 107 9.33 -14.75 21.50
N ASN A 108 10.62 -14.91 21.79
CA ASN A 108 11.52 -13.75 21.87
C ASN A 108 11.58 -12.97 20.58
N SER A 109 11.43 -13.69 19.45
CA SER A 109 11.47 -13.04 18.14
C SER A 109 10.25 -12.23 17.82
N GLN A 110 9.17 -12.44 18.58
CA GLN A 110 7.90 -11.87 18.24
C GLN A 110 7.85 -10.38 18.57
N TYR A 111 7.42 -9.59 17.62
CA TYR A 111 7.21 -8.19 17.85
C TYR A 111 6.00 -7.97 18.75
N SER A 112 5.86 -6.75 19.27
CA SER A 112 4.73 -6.38 20.12
C SER A 112 3.40 -6.60 19.41
N THR A 113 3.42 -6.49 18.09
CA THR A 113 2.23 -6.67 17.28
C THR A 113 1.84 -8.11 17.02
N GLY A 114 2.72 -9.04 17.35
CA GLY A 114 2.52 -10.44 17.07
C GLY A 114 3.30 -10.94 15.86
N ALA A 115 3.83 -10.06 15.04
CA ALA A 115 4.59 -10.45 13.86
C ALA A 115 5.77 -11.31 14.26
N LEU A 116 6.08 -12.30 13.44
CA LEU A 116 7.32 -13.07 13.54
C LEU A 116 8.21 -12.76 12.36
N PRO A 117 9.46 -12.38 12.62
CA PRO A 117 10.41 -12.10 11.56
C PRO A 117 11.01 -13.37 11.02
N GLN A 118 11.62 -13.24 9.86
CA GLN A 118 12.28 -14.37 9.22
C GLN A 118 13.55 -14.80 9.96
N PHE A 119 14.33 -13.83 10.39
CA PHE A 119 15.55 -14.05 11.15
C PHE A 119 15.48 -13.24 12.42
N TYR A 120 16.04 -13.80 13.48
CA TYR A 120 16.06 -13.11 14.75
C TYR A 120 17.30 -13.56 15.53
N PRO A 121 18.05 -12.67 16.20
CA PRO A 121 17.92 -11.22 16.19
C PRO A 121 17.85 -10.66 14.78
N LEU A 122 17.19 -9.53 14.68
CA LEU A 122 16.92 -8.90 13.40
C LEU A 122 18.19 -8.60 12.66
N LYS A 123 18.18 -8.93 11.37
CA LYS A 123 19.33 -8.74 10.51
C LYS A 123 19.18 -7.51 9.61
N GLY A 124 17.99 -6.91 9.59
CA GLY A 124 17.73 -5.78 8.74
C GLY A 124 17.21 -6.24 7.39
N GLY A 125 16.62 -5.30 6.68
CA GLY A 125 16.01 -5.57 5.40
C GLY A 125 14.74 -6.38 5.55
N TYR A 126 14.38 -7.07 4.47
CA TYR A 126 13.07 -7.67 4.41
C TYR A 126 12.91 -8.82 5.38
N SER A 127 14.01 -9.40 5.82
CA SER A 127 13.99 -10.44 6.83
C SER A 127 13.33 -10.01 8.14
N ASP A 128 13.29 -8.72 8.40
CA ASP A 128 12.67 -8.21 9.63
C ASP A 128 11.16 -8.22 9.56
N HIS A 129 10.60 -8.27 8.36
CA HIS A 129 9.16 -8.20 8.19
C HIS A 129 8.47 -9.41 8.81
N ALA A 130 7.19 -9.25 9.13
CA ALA A 130 6.34 -10.39 9.41
C ALA A 130 6.40 -11.30 8.19
N THR A 131 6.88 -12.51 8.39
CA THR A 131 7.26 -13.38 7.26
C THR A 131 6.35 -14.56 7.15
N PHE A 132 5.40 -14.46 6.24
CA PHE A 132 4.57 -15.60 5.90
C PHE A 132 5.24 -16.53 4.91
N ASN A 133 6.22 -16.01 4.19
CA ASN A 133 7.00 -16.75 3.24
C ASN A 133 7.44 -18.09 3.77
N ASP A 134 7.32 -19.10 2.92
CA ASP A 134 7.68 -20.47 3.24
C ASP A 134 6.96 -20.97 4.49
N ASN A 135 5.74 -20.51 4.67
CA ASN A 135 4.90 -20.87 5.80
C ASN A 135 5.51 -20.55 7.15
N GLY A 136 6.45 -19.60 7.19
CA GLY A 136 7.21 -19.38 8.39
C GLY A 136 6.36 -18.95 9.58
N MET A 137 5.73 -17.80 9.48
CA MET A 137 4.97 -17.31 10.60
C MET A 137 3.80 -18.23 10.93
N ALA A 138 3.06 -18.67 9.91
CA ALA A 138 1.90 -19.48 10.17
C ALA A 138 2.27 -20.79 10.83
N TYR A 139 3.35 -21.43 10.40
CA TYR A 139 3.66 -22.73 10.94
C TYR A 139 4.38 -22.58 12.28
N ALA A 140 5.12 -21.49 12.47
CA ALA A 140 5.67 -21.18 13.79
C ALA A 140 4.56 -21.01 14.81
N LEU A 141 3.52 -20.28 14.44
CA LEU A 141 2.39 -20.10 15.33
C LEU A 141 1.69 -21.41 15.59
N THR A 142 1.63 -22.27 14.58
CA THR A 142 1.03 -23.59 14.73
C THR A 142 1.81 -24.40 15.76
N VAL A 143 3.12 -24.36 15.68
CA VAL A 143 3.94 -25.07 16.67
C VAL A 143 3.63 -24.54 18.06
N LEU A 144 3.65 -23.22 18.21
CA LEU A 144 3.38 -22.62 19.52
C LEU A 144 1.98 -22.97 20.01
N ASP A 145 1.03 -23.01 19.09
CA ASP A 145 -0.34 -23.38 19.45
C ASP A 145 -0.43 -24.83 19.89
N PHE A 146 0.25 -25.72 19.19
CA PHE A 146 0.27 -27.11 19.62
C PHE A 146 0.92 -27.21 21.01
N ALA A 147 1.99 -26.46 21.24
CA ALA A 147 2.66 -26.46 22.53
C ALA A 147 1.69 -25.93 23.58
N ALA A 148 1.02 -24.83 23.27
CA ALA A 148 0.10 -24.18 24.23
C ALA A 148 -1.04 -25.08 24.63
N ASN A 149 -1.44 -25.95 23.71
CA ASN A 149 -2.59 -26.82 23.90
C ASN A 149 -2.23 -28.24 24.29
N LYS A 150 -0.97 -28.44 24.62
CA LYS A 150 -0.48 -29.74 25.05
C LYS A 150 -0.76 -30.81 24.01
N ARG A 151 -0.68 -30.46 22.73
CA ARG A 151 -0.83 -31.46 21.67
C ARG A 151 0.49 -32.11 21.40
N ALA A 152 0.44 -33.39 21.07
CA ALA A 152 1.61 -34.15 20.69
C ALA A 152 2.38 -33.39 19.60
N PRO A 153 3.69 -33.33 19.69
CA PRO A 153 4.55 -34.02 20.67
C PRO A 153 4.81 -33.28 21.97
N PHE A 154 4.03 -32.24 22.27
CA PHE A 154 4.27 -31.36 23.42
C PHE A 154 3.39 -31.74 24.60
N ASP A 155 2.91 -32.98 24.57
CA ASP A 155 2.09 -33.50 25.70
C ASP A 155 2.98 -34.32 26.65
N THR A 156 4.13 -33.73 26.95
CA THR A 156 5.10 -34.28 27.88
C THR A 156 5.37 -33.21 28.91
N ASP A 157 6.38 -33.43 29.74
CA ASP A 157 6.75 -32.42 30.72
C ASP A 157 7.69 -31.35 30.16
N VAL A 158 7.81 -31.29 28.84
CA VAL A 158 8.64 -30.27 28.18
C VAL A 158 8.24 -28.87 28.62
N PHE A 159 6.95 -28.63 28.76
CA PHE A 159 6.44 -27.34 29.15
C PHE A 159 5.56 -27.42 30.36
N SER A 160 5.55 -26.32 31.10
CA SER A 160 4.66 -26.13 32.24
C SER A 160 3.44 -25.32 31.83
N ASP A 161 2.49 -25.21 32.74
CA ASP A 161 1.33 -24.34 32.54
C ASP A 161 1.74 -22.89 32.26
N ASN A 162 2.74 -22.40 32.99
CA ASN A 162 3.22 -21.03 32.80
C ASN A 162 3.82 -20.84 31.41
N ASP A 163 4.54 -21.84 30.94
CA ASP A 163 5.08 -21.81 29.58
C ASP A 163 3.95 -21.75 28.59
N ARG A 164 2.97 -22.62 28.78
CA ARG A 164 1.82 -22.64 27.87
C ARG A 164 1.06 -21.32 27.86
N THR A 165 1.00 -20.64 28.99
CA THR A 165 0.37 -19.32 29.03
C THR A 165 1.13 -18.37 28.12
N ARG A 166 2.45 -18.40 28.20
CA ARG A 166 3.26 -17.55 27.37
C ARG A 166 3.06 -17.87 25.90
N PHE A 167 2.98 -19.15 25.60
CA PHE A 167 2.75 -19.58 24.21
C PHE A 167 1.37 -19.19 23.75
N LYS A 168 0.36 -19.34 24.60
CA LYS A 168 -0.98 -18.90 24.22
C LYS A 168 -0.99 -17.42 23.91
N THR A 169 -0.30 -16.63 24.71
CA THR A 169 -0.21 -15.20 24.48
C THR A 169 0.46 -14.94 23.12
N ALA A 170 1.54 -15.64 22.82
CA ALA A 170 2.22 -15.46 21.53
C ALA A 170 1.31 -15.85 20.37
N VAL A 171 0.56 -16.93 20.54
CA VAL A 171 -0.38 -17.36 19.50
C VAL A 171 -1.48 -16.35 19.32
N THR A 172 -2.00 -15.82 20.42
CA THR A 172 -3.03 -14.81 20.38
C THR A 172 -2.55 -13.56 19.69
N LYS A 173 -1.35 -13.13 20.03
CA LYS A 173 -0.76 -11.97 19.38
C LYS A 173 -0.56 -12.22 17.89
N GLY A 174 -0.10 -13.41 17.55
CA GLY A 174 0.12 -13.75 16.15
C GLY A 174 -1.18 -13.76 15.38
N THR A 175 -2.21 -14.27 16.02
CA THR A 175 -3.53 -14.28 15.41
C THR A 175 -4.02 -12.86 15.19
N ASP A 176 -3.88 -12.02 16.21
CA ASP A 176 -4.25 -10.64 16.11
C ASP A 176 -3.52 -9.99 14.93
N TYR A 177 -2.21 -10.23 14.83
CA TYR A 177 -1.44 -9.71 13.71
C TYR A 177 -2.05 -10.11 12.36
N ILE A 178 -2.30 -11.40 12.22
CA ILE A 178 -2.82 -11.95 10.98
C ILE A 178 -4.15 -11.29 10.61
N LEU A 179 -5.01 -11.12 11.60
CA LEU A 179 -6.30 -10.52 11.35
C LEU A 179 -6.16 -9.06 10.93
N LYS A 180 -5.25 -8.32 11.57
CA LYS A 180 -5.01 -6.93 11.20
C LYS A 180 -4.34 -6.78 9.84
N ALA A 181 -3.53 -7.78 9.48
CA ALA A 181 -2.77 -7.71 8.24
C ALA A 181 -3.58 -8.11 7.02
N GLN A 182 -4.65 -8.87 7.23
CA GLN A 182 -5.43 -9.40 6.14
C GLN A 182 -5.89 -8.25 5.27
N TRP A 183 -5.65 -8.37 3.98
CA TRP A 183 -5.79 -7.27 3.06
C TRP A 183 -7.23 -7.00 2.67
N LYS A 184 -7.63 -5.76 2.78
CA LYS A 184 -8.96 -5.32 2.38
C LYS A 184 -8.80 -4.70 1.02
N GLN A 185 -9.34 -5.41 0.06
CA GLN A 185 -9.25 -5.08 -1.33
C GLN A 185 -10.51 -4.32 -1.67
N ASN A 186 -10.39 -3.00 -1.72
CA ASN A 186 -11.52 -2.12 -2.01
C ASN A 186 -12.70 -2.49 -1.13
N GLY A 187 -12.39 -2.65 0.14
CA GLY A 187 -13.39 -2.90 1.14
C GLY A 187 -13.68 -4.36 1.44
N VAL A 188 -13.12 -5.29 0.67
CA VAL A 188 -13.43 -6.72 0.77
C VAL A 188 -12.24 -7.47 1.36
N LEU A 189 -12.45 -8.24 2.41
CA LEU A 189 -11.39 -8.98 3.04
C LEU A 189 -10.88 -10.09 2.13
N THR A 190 -9.57 -10.20 1.97
CA THR A 190 -8.98 -11.19 1.06
C THR A 190 -7.97 -12.05 1.80
N VAL A 191 -6.68 -11.89 1.48
CA VAL A 191 -5.65 -12.76 2.04
C VAL A 191 -4.44 -11.91 2.43
N TRP A 192 -3.23 -12.46 2.30
CA TRP A 192 -2.04 -11.83 2.81
C TRP A 192 -0.97 -11.81 1.75
N CYS A 193 -0.07 -10.87 1.87
CA CYS A 193 1.19 -10.85 1.16
C CYS A 193 2.12 -11.84 1.81
N ALA A 194 3.16 -12.26 1.09
CA ALA A 194 4.13 -13.16 1.67
C ALA A 194 4.90 -12.53 2.82
N GLN A 195 4.94 -11.21 2.85
CA GLN A 195 5.54 -10.51 3.97
C GLN A 195 4.83 -9.18 4.14
N HIS A 196 4.70 -8.77 5.41
CA HIS A 196 4.03 -7.53 5.79
C HIS A 196 4.89 -6.81 6.80
N GLY A 197 4.65 -5.51 6.93
CA GLY A 197 5.40 -4.73 7.90
C GLY A 197 5.07 -5.19 9.30
N ALA A 198 6.10 -5.43 10.09
CA ALA A 198 5.92 -5.92 11.44
C ALA A 198 5.15 -4.94 12.28
N LEU A 199 5.34 -3.65 12.02
CA LEU A 199 4.67 -2.60 12.79
C LEU A 199 3.53 -1.95 12.09
N ASP A 200 3.59 -1.87 10.76
CA ASP A 200 2.60 -1.12 10.00
C ASP A 200 1.56 -2.00 9.31
N TYR A 201 1.76 -3.31 9.37
CA TYR A 201 0.83 -4.33 8.80
C TYR A 201 0.71 -4.30 7.28
N GLN A 202 1.44 -3.43 6.62
CA GLN A 202 1.29 -3.22 5.18
C GLN A 202 2.02 -4.31 4.41
N PRO A 203 1.52 -4.69 3.24
CA PRO A 203 2.31 -5.54 2.35
C PRO A 203 3.65 -4.94 2.05
N LYS A 204 4.64 -5.80 1.98
CA LYS A 204 6.01 -5.41 1.68
C LYS A 204 6.59 -6.28 0.59
N LYS A 205 7.68 -5.80 0.01
CA LYS A 205 8.52 -6.58 -0.89
C LYS A 205 9.46 -7.44 -0.07
N ALA A 206 10.05 -8.44 -0.73
CA ALA A 206 11.12 -9.22 -0.16
C ALA A 206 12.30 -9.14 -1.12
N ARG A 207 12.63 -10.24 -1.79
CA ARG A 207 13.65 -10.22 -2.81
C ARG A 207 13.17 -9.41 -4.00
N ALA A 208 14.05 -9.19 -4.96
CA ALA A 208 13.74 -8.25 -6.02
C ALA A 208 12.47 -8.60 -6.77
N TYR A 209 12.24 -9.90 -6.92
CA TYR A 209 11.15 -10.41 -7.74
C TYR A 209 9.95 -10.77 -6.90
N GLU A 210 9.94 -10.37 -5.62
CA GLU A 210 8.88 -10.65 -4.68
C GLU A 210 8.24 -9.35 -4.24
N LEU A 211 7.20 -8.95 -4.94
CA LEU A 211 6.63 -7.63 -4.78
C LEU A 211 5.44 -7.65 -3.86
N GLU A 212 4.98 -6.47 -3.52
CA GLU A 212 3.77 -6.31 -2.74
C GLU A 212 2.61 -6.88 -3.55
N SER A 213 1.81 -7.68 -2.88
CA SER A 213 0.88 -8.54 -3.56
C SER A 213 0.07 -9.33 -2.58
N LEU A 214 -1.01 -9.93 -3.06
CA LEU A 214 -1.60 -11.07 -2.36
C LEU A 214 -0.87 -12.32 -2.78
N SER A 215 -0.54 -13.14 -1.80
CA SER A 215 0.22 -14.36 -2.04
C SER A 215 -0.70 -15.54 -2.20
N GLY A 216 -0.73 -16.10 -3.39
CA GLY A 216 -1.47 -17.31 -3.63
C GLY A 216 -0.85 -18.49 -2.92
N SER A 217 0.47 -18.49 -2.76
CA SER A 217 1.19 -19.60 -2.16
C SER A 217 1.13 -19.60 -0.64
N GLU A 218 1.35 -18.46 -0.03
CA GLU A 218 1.51 -18.42 1.44
C GLU A 218 0.21 -18.24 2.17
N SER A 219 -0.81 -17.78 1.49
CA SER A 219 -2.06 -17.51 2.18
C SER A 219 -2.77 -18.79 2.61
N VAL A 220 -2.45 -19.91 1.96
CA VAL A 220 -3.00 -21.22 2.34
C VAL A 220 -2.65 -21.55 3.78
N GLY A 221 -1.37 -21.45 4.10
CA GLY A 221 -0.91 -21.81 5.42
C GLY A 221 -1.44 -20.87 6.48
N VAL A 222 -1.61 -19.61 6.13
CA VAL A 222 -2.16 -18.64 7.09
C VAL A 222 -3.59 -19.06 7.43
N LEU A 223 -4.38 -19.37 6.40
CA LEU A 223 -5.73 -19.86 6.63
C LEU A 223 -5.75 -21.15 7.44
N ALA A 224 -4.84 -22.05 7.12
CA ALA A 224 -4.77 -23.31 7.83
C ALA A 224 -4.47 -23.03 9.32
N PHE A 225 -3.52 -22.15 9.60
CA PHE A 225 -3.28 -21.77 10.98
C PHE A 225 -4.53 -21.19 11.64
N LEU A 226 -5.18 -20.26 10.98
CA LEU A 226 -6.40 -19.67 11.56
C LEU A 226 -7.43 -20.70 11.86
N MET A 227 -7.51 -21.73 11.04
CA MET A 227 -8.46 -22.80 11.21
C MET A 227 -8.14 -23.72 12.38
N THR A 228 -6.95 -23.59 12.97
CA THR A 228 -6.64 -24.33 14.20
C THR A 228 -7.14 -23.57 15.44
N GLN A 229 -7.49 -22.30 15.27
CA GLN A 229 -7.84 -21.44 16.40
C GLN A 229 -9.31 -21.53 16.74
N PRO A 230 -9.65 -21.18 17.99
CA PRO A 230 -11.06 -21.01 18.33
C PRO A 230 -11.68 -20.07 17.32
N GLN A 231 -12.76 -20.53 16.71
CA GLN A 231 -13.41 -19.79 15.63
C GLN A 231 -14.34 -18.72 16.18
N THR A 232 -13.76 -17.64 16.62
CA THR A 232 -14.53 -16.48 17.02
C THR A 232 -15.27 -15.95 15.80
N ALA A 233 -16.24 -15.07 16.02
CA ALA A 233 -16.94 -14.45 14.89
C ALA A 233 -15.96 -13.87 13.88
N GLU A 234 -14.99 -13.13 14.39
CA GLU A 234 -14.03 -12.47 13.50
C GLU A 234 -13.14 -13.45 12.78
N ILE A 235 -12.71 -14.50 13.47
CA ILE A 235 -11.83 -15.49 12.84
C ILE A 235 -12.57 -16.27 11.79
N GLU A 236 -13.80 -16.66 12.07
CA GLU A 236 -14.59 -17.35 11.08
C GLU A 236 -14.77 -16.47 9.84
N GLN A 237 -15.08 -15.21 10.05
CA GLN A 237 -15.22 -14.27 8.95
C GLN A 237 -13.92 -14.18 8.14
N ALA A 238 -12.80 -14.08 8.83
CA ALA A 238 -11.50 -13.96 8.16
C ALA A 238 -11.21 -15.19 7.32
N VAL A 239 -11.45 -16.35 7.88
CA VAL A 239 -11.17 -17.59 7.20
C VAL A 239 -12.11 -17.73 6.01
N ARG A 240 -13.38 -17.52 6.22
CA ARG A 240 -14.34 -17.63 5.14
C ARG A 240 -13.99 -16.67 4.03
N ALA A 241 -13.53 -15.46 4.36
CA ALA A 241 -13.18 -14.50 3.32
C ALA A 241 -11.94 -14.98 2.57
N GLY A 242 -10.96 -15.50 3.26
CA GLY A 242 -9.76 -15.98 2.57
C GLY A 242 -10.03 -17.18 1.69
N VAL A 243 -10.85 -18.09 2.17
CA VAL A 243 -11.23 -19.25 1.39
C VAL A 243 -12.05 -18.82 0.18
N ALA A 244 -12.95 -17.87 0.36
CA ALA A 244 -13.75 -17.35 -0.74
C ALA A 244 -12.84 -16.73 -1.80
N TRP A 245 -11.79 -16.04 -1.37
CA TRP A 245 -10.86 -15.46 -2.30
C TRP A 245 -10.19 -16.55 -3.11
N PHE A 246 -9.74 -17.60 -2.47
CA PHE A 246 -9.09 -18.69 -3.19
C PHE A 246 -10.05 -19.33 -4.16
N ASN A 247 -11.31 -19.40 -3.76
CA ASN A 247 -12.34 -20.09 -4.52
C ASN A 247 -13.09 -19.21 -5.48
N SER A 248 -12.57 -18.01 -5.74
CA SER A 248 -13.23 -17.07 -6.61
C SER A 248 -12.65 -17.15 -8.01
N PRO A 249 -13.50 -17.08 -9.01
CA PRO A 249 -13.02 -17.08 -10.39
C PRO A 249 -12.29 -15.80 -10.74
N ARG A 250 -12.37 -14.79 -9.89
CA ARG A 250 -11.54 -13.60 -10.09
C ARG A 250 -10.12 -13.82 -9.54
N THR A 251 -9.90 -14.97 -8.90
CA THR A 251 -8.60 -15.35 -8.35
C THR A 251 -8.01 -16.51 -9.13
N TYR A 252 -8.69 -17.64 -9.19
CA TYR A 252 -8.10 -18.72 -9.94
C TYR A 252 -8.27 -18.49 -11.41
N LEU A 253 -7.39 -19.12 -12.16
CA LEU A 253 -7.40 -19.10 -13.62
C LEU A 253 -7.91 -20.47 -14.03
N GLU A 254 -9.14 -20.50 -14.51
CA GLU A 254 -9.77 -21.75 -14.81
C GLU A 254 -9.43 -22.21 -16.22
N GLY A 255 -9.17 -23.49 -16.34
CA GLY A 255 -8.78 -24.11 -17.60
C GLY A 255 -7.28 -24.15 -17.86
N TYR A 256 -6.49 -23.86 -16.83
CA TYR A 256 -5.03 -23.79 -16.95
C TYR A 256 -4.38 -24.46 -15.76
N THR A 257 -3.13 -24.81 -15.95
CA THR A 257 -2.30 -25.31 -14.88
C THR A 257 -0.90 -24.77 -15.06
N TYR A 258 -0.13 -24.82 -14.00
CA TYR A 258 1.25 -24.41 -14.02
C TYR A 258 2.12 -25.65 -14.12
N ASP A 259 2.88 -25.74 -15.20
CA ASP A 259 3.72 -26.87 -15.45
C ASP A 259 5.16 -26.39 -15.55
N SER A 260 5.91 -26.52 -14.46
CA SER A 260 7.26 -25.97 -14.42
C SER A 260 8.17 -26.61 -15.47
N SER A 261 7.82 -27.82 -15.91
CA SER A 261 8.59 -28.50 -16.97
C SER A 261 8.52 -27.78 -18.31
N LEU A 262 7.54 -26.90 -18.46
CA LEU A 262 7.29 -26.15 -19.67
C LEU A 262 7.73 -24.70 -19.50
N ALA A 263 8.44 -24.42 -18.41
CA ALA A 263 8.80 -23.03 -18.11
C ALA A 263 9.77 -22.38 -19.09
N ALA A 264 10.50 -23.15 -19.87
CA ALA A 264 11.46 -22.59 -20.82
C ALA A 264 10.79 -21.50 -21.64
N THR A 265 9.53 -21.72 -22.05
CA THR A 265 8.84 -20.70 -22.81
C THR A 265 7.62 -20.18 -22.07
N ASN A 266 6.76 -21.08 -21.59
CA ASN A 266 5.59 -20.65 -20.83
C ASN A 266 5.02 -21.81 -20.05
N PRO A 267 5.12 -21.77 -18.73
CA PRO A 267 4.60 -22.85 -17.88
C PRO A 267 3.12 -22.77 -17.63
N ILE A 268 2.47 -21.72 -18.07
CA ILE A 268 1.04 -21.58 -17.84
C ILE A 268 0.34 -22.13 -19.06
N VAL A 269 -0.19 -23.32 -18.89
CA VAL A 269 -0.68 -24.07 -20.04
C VAL A 269 -2.10 -24.55 -19.83
N PRO A 270 -2.86 -24.69 -20.91
CA PRO A 270 -4.21 -25.22 -20.79
C PRO A 270 -4.25 -26.62 -20.21
N ARG A 271 -5.26 -26.80 -19.37
CA ARG A 271 -5.60 -28.10 -18.82
C ARG A 271 -7.09 -28.05 -18.49
N ALA A 272 -7.88 -28.78 -19.27
CA ALA A 272 -9.32 -28.75 -19.15
C ALA A 272 -9.75 -29.08 -17.74
N GLY A 273 -10.62 -28.24 -17.21
CA GLY A 273 -11.24 -28.47 -15.91
C GLY A 273 -10.30 -28.30 -14.74
N SER A 274 -9.16 -27.66 -14.97
CA SER A 274 -8.15 -27.40 -13.95
C SER A 274 -8.26 -25.94 -13.55
N LYS A 275 -7.79 -25.63 -12.36
CA LYS A 275 -7.68 -24.25 -11.90
C LYS A 275 -6.25 -24.03 -11.45
N MET A 276 -5.73 -22.87 -11.80
CA MET A 276 -4.39 -22.44 -11.42
C MET A 276 -4.52 -21.21 -10.57
N TRP A 277 -3.61 -21.10 -9.62
CA TRP A 277 -3.47 -19.87 -8.84
C TRP A 277 -2.13 -19.26 -9.14
N TYR A 278 -2.11 -17.94 -9.16
CA TYR A 278 -0.86 -17.23 -9.27
C TYR A 278 -0.16 -17.14 -7.93
N ARG A 279 1.16 -17.04 -7.97
CA ARG A 279 1.91 -16.79 -6.77
C ARG A 279 1.70 -15.37 -6.24
N PHE A 280 1.53 -14.43 -7.16
CA PHE A 280 1.38 -13.02 -6.84
C PHE A 280 0.16 -12.45 -7.53
N TYR A 281 -0.68 -11.79 -6.76
CA TYR A 281 -1.81 -11.06 -7.30
C TYR A 281 -1.70 -9.60 -6.92
N ASP A 282 -2.09 -8.73 -7.84
CA ASP A 282 -2.10 -7.32 -7.54
C ASP A 282 -3.08 -7.03 -6.40
N LEU A 283 -2.63 -6.22 -5.44
CA LEU A 283 -3.40 -5.95 -4.24
C LEU A 283 -4.78 -5.40 -4.55
N ASN A 284 -4.88 -4.57 -5.57
CA ASN A 284 -6.13 -3.87 -5.84
C ASN A 284 -6.94 -4.48 -6.97
N THR A 285 -6.32 -4.94 -8.04
CA THR A 285 -7.07 -5.49 -9.17
C THR A 285 -7.28 -6.99 -9.08
N ASN A 286 -6.50 -7.65 -8.23
CA ASN A 286 -6.53 -9.10 -8.12
C ASN A 286 -6.03 -9.79 -9.39
N ARG A 287 -5.24 -9.09 -10.19
CA ARG A 287 -4.64 -9.67 -11.39
C ARG A 287 -3.36 -10.38 -11.04
N GLY A 288 -3.20 -11.60 -11.52
CA GLY A 288 -1.95 -12.30 -11.34
C GLY A 288 -0.83 -11.58 -12.07
N PHE A 289 0.35 -11.54 -11.48
CA PHE A 289 1.45 -10.83 -12.10
C PHE A 289 2.78 -11.49 -11.85
N PHE A 290 3.75 -10.99 -12.59
CA PHE A 290 5.09 -11.49 -12.59
C PHE A 290 6.08 -10.38 -12.30
N SER A 291 7.27 -10.80 -11.93
CA SER A 291 8.35 -9.88 -11.66
C SER A 291 9.65 -10.48 -12.19
N ASP A 292 10.76 -9.87 -11.86
CA ASP A 292 12.03 -10.31 -12.39
C ASP A 292 13.11 -9.71 -11.52
N ARG A 293 14.36 -9.96 -11.86
CA ARG A 293 15.46 -9.52 -11.02
C ARG A 293 15.59 -8.02 -10.96
N ASP A 294 15.02 -7.31 -11.92
CA ASP A 294 15.01 -5.85 -11.90
C ASP A 294 13.90 -5.26 -11.02
N GLY A 295 13.08 -6.11 -10.43
CA GLY A 295 11.98 -5.67 -9.60
C GLY A 295 10.81 -5.11 -10.38
N SER A 296 10.76 -5.31 -11.69
CA SER A 296 9.66 -4.84 -12.52
C SER A 296 8.42 -5.68 -12.28
N LYS A 297 7.30 -5.20 -12.77
CA LYS A 297 6.03 -5.86 -12.59
C LYS A 297 5.34 -5.88 -13.93
N PHE A 298 4.89 -7.06 -14.34
CA PHE A 298 4.34 -7.21 -15.68
C PHE A 298 3.41 -8.40 -15.69
N TYR A 299 2.68 -8.54 -16.79
CA TYR A 299 1.51 -9.42 -16.83
C TYR A 299 1.60 -10.55 -17.83
N ASP A 300 2.71 -10.65 -18.55
CA ASP A 300 2.93 -11.70 -19.53
C ASP A 300 4.23 -12.39 -19.16
N ILE A 301 4.13 -13.65 -18.77
CA ILE A 301 5.29 -14.35 -18.24
C ILE A 301 6.39 -14.56 -19.28
N THR A 302 6.04 -14.45 -20.55
CA THR A 302 7.01 -14.61 -21.62
C THR A 302 7.95 -13.42 -21.72
N GLN A 303 7.61 -12.32 -21.04
CA GLN A 303 8.46 -11.12 -20.95
C GLN A 303 9.56 -11.27 -19.90
N MET A 304 9.48 -12.31 -19.08
CA MET A 304 10.41 -12.52 -18.00
C MET A 304 11.74 -13.07 -18.49
N SER A 305 12.81 -12.80 -17.77
CA SER A 305 14.08 -13.45 -18.03
C SER A 305 13.91 -14.95 -17.95
N LEU A 306 14.65 -15.65 -18.79
CA LEU A 306 14.60 -17.09 -18.82
C LEU A 306 14.92 -17.66 -17.45
N GLU A 307 15.94 -17.11 -16.80
CA GLU A 307 16.39 -17.64 -15.54
C GLU A 307 15.31 -17.53 -14.45
N ARG A 308 14.58 -16.41 -14.41
CA ARG A 308 13.54 -16.28 -13.39
C ARG A 308 12.30 -17.09 -13.75
N ARG A 309 12.01 -17.27 -15.03
CA ARG A 309 10.82 -18.04 -15.39
C ARG A 309 11.03 -19.52 -15.07
N THR A 310 12.26 -19.99 -15.25
CA THR A 310 12.55 -21.39 -14.99
C THR A 310 12.97 -21.64 -13.53
N GLY A 311 13.51 -20.62 -12.86
CA GLY A 311 14.11 -20.79 -11.56
C GLY A 311 13.22 -20.53 -10.37
N TYR A 312 12.01 -20.04 -10.64
CA TYR A 312 11.06 -19.69 -9.59
C TYR A 312 9.68 -20.04 -10.10
N SER A 313 8.82 -20.56 -9.22
CA SER A 313 7.47 -20.92 -9.62
C SER A 313 6.56 -19.71 -9.49
N TRP A 314 5.85 -19.38 -10.55
CA TRP A 314 5.01 -18.18 -10.60
C TRP A 314 3.54 -18.48 -10.43
N GLY A 315 3.20 -19.76 -10.25
CA GLY A 315 1.84 -20.18 -10.08
C GLY A 315 1.85 -21.61 -9.64
N GLY A 316 0.68 -22.12 -9.34
CA GLY A 316 0.56 -23.48 -8.90
C GLY A 316 -0.83 -23.81 -8.43
N ASN A 317 -0.94 -25.01 -7.89
CA ASN A 317 -2.20 -25.56 -7.47
C ASN A 317 -2.48 -25.22 -6.00
N TYR A 318 -2.24 -23.98 -5.63
CA TYR A 318 -2.19 -23.61 -4.22
C TYR A 318 -3.52 -23.75 -3.52
N GLY A 319 -4.59 -23.39 -4.20
CA GLY A 319 -5.89 -23.32 -3.57
C GLY A 319 -6.57 -24.65 -3.28
N THR A 320 -6.24 -25.69 -4.03
CA THR A 320 -6.95 -26.96 -3.93
C THR A 320 -7.04 -27.45 -2.52
N SER A 321 -5.92 -27.46 -1.83
CA SER A 321 -5.87 -28.06 -0.51
C SER A 321 -6.77 -27.30 0.48
N ILE A 322 -6.68 -25.97 0.48
CA ILE A 322 -7.44 -25.21 1.46
C ILE A 322 -8.91 -25.18 1.11
N ILE A 323 -9.23 -25.17 -0.17
CA ILE A 323 -10.63 -25.17 -0.60
C ILE A 323 -11.28 -26.48 -0.23
N ASN A 324 -10.60 -27.58 -0.46
CA ASN A 324 -11.17 -28.87 -0.15
C ASN A 324 -11.33 -29.04 1.34
N PHE A 325 -10.37 -28.54 2.11
CA PHE A 325 -10.45 -28.61 3.56
C PHE A 325 -11.58 -27.73 4.05
N ALA A 326 -11.69 -26.52 3.53
CA ALA A 326 -12.79 -25.65 3.88
C ALA A 326 -14.14 -26.30 3.58
N GLN A 327 -14.23 -27.00 2.45
CA GLN A 327 -15.47 -27.67 2.08
C GLN A 327 -15.81 -28.73 3.13
N LYS A 328 -14.81 -29.49 3.52
CA LYS A 328 -14.95 -30.56 4.52
C LYS A 328 -15.55 -30.02 5.82
N VAL A 329 -15.10 -28.84 6.25
CA VAL A 329 -15.53 -28.28 7.53
C VAL A 329 -16.71 -27.30 7.42
N GLY A 330 -17.24 -27.12 6.22
CA GLY A 330 -18.42 -26.28 6.01
C GLY A 330 -18.17 -24.79 5.82
N TYR A 331 -16.93 -24.44 5.47
CA TYR A 331 -16.52 -23.04 5.27
C TYR A 331 -16.51 -22.59 3.81
N LEU A 332 -17.00 -23.46 2.94
CA LEU A 332 -17.14 -23.17 1.50
C LEU A 332 -18.62 -23.17 1.11
N GLY B 1 20.59 40.30 16.96
CA GLY B 1 21.47 40.04 15.79
C GLY B 1 20.89 39.05 14.80
N LEU B 2 20.10 38.09 15.30
CA LEU B 2 19.55 37.00 14.48
C LEU B 2 18.11 37.22 14.03
N VAL B 3 17.84 36.88 12.77
CA VAL B 3 16.48 36.88 12.22
C VAL B 3 15.69 35.83 13.00
N PRO B 4 14.54 36.20 13.57
CA PRO B 4 13.78 35.26 14.41
C PRO B 4 13.25 34.07 13.62
N ARG B 5 13.19 32.92 14.29
CA ARG B 5 12.69 31.71 13.65
C ARG B 5 11.23 31.95 13.27
N GLY B 6 10.87 31.50 12.06
CA GLY B 6 9.52 31.63 11.55
C GLY B 6 9.04 33.07 11.54
N SER B 7 9.86 33.94 10.94
CA SER B 7 9.67 35.40 11.00
C SER B 7 8.46 35.94 10.22
N HIS B 8 7.88 35.11 9.35
CA HIS B 8 6.72 35.53 8.55
C HIS B 8 5.43 34.95 9.07
N MET B 9 5.52 34.13 10.12
CA MET B 9 4.35 33.49 10.68
C MET B 9 3.57 34.48 11.54
N THR B 10 2.27 34.28 11.59
CA THR B 10 1.42 35.06 12.50
C THR B 10 0.64 34.05 13.29
N GLY B 11 0.93 33.96 14.58
CA GLY B 11 0.45 32.84 15.36
C GLY B 11 0.85 31.54 14.69
N ARG B 12 -0.13 30.69 14.43
CA ARG B 12 0.10 29.42 13.75
C ARG B 12 -0.26 29.48 12.28
N MET B 13 -0.34 30.68 11.71
CA MET B 13 -0.62 30.82 10.29
C MET B 13 0.64 31.20 9.55
N LEU B 14 0.96 30.43 8.53
CA LEU B 14 2.07 30.79 7.65
C LEU B 14 1.62 31.86 6.71
N THR B 15 2.58 32.64 6.25
CA THR B 15 2.26 33.57 5.19
C THR B 15 1.71 32.87 3.93
N LEU B 16 0.77 33.49 3.25
CA LEU B 16 0.30 33.01 1.94
C LEU B 16 1.15 33.53 0.82
N ASP B 17 2.02 34.49 1.14
CA ASP B 17 2.92 35.04 0.14
C ASP B 17 3.92 33.99 -0.31
N GLY B 18 3.78 33.56 -1.56
CA GLY B 18 4.60 32.52 -2.16
C GLY B 18 3.98 31.14 -2.16
N ASN B 19 2.82 31.01 -1.53
CA ASN B 19 2.21 29.69 -1.44
C ASN B 19 1.72 29.25 -2.81
N PRO B 20 2.17 28.10 -3.32
CA PRO B 20 1.76 27.72 -4.67
C PRO B 20 0.25 27.59 -4.91
N ALA B 21 -0.49 27.15 -3.92
CA ALA B 21 -1.92 27.01 -4.06
C ALA B 21 -2.58 28.38 -4.08
N ALA B 22 -2.15 29.28 -3.21
CA ALA B 22 -2.63 30.65 -3.23
C ALA B 22 -2.29 31.30 -4.57
N ASN B 23 -1.09 31.07 -5.06
CA ASN B 23 -0.67 31.65 -6.33
C ASN B 23 -1.56 31.15 -7.47
N TRP B 24 -1.88 29.85 -7.46
CA TRP B 24 -2.77 29.28 -8.46
C TRP B 24 -4.12 29.99 -8.40
N LEU B 25 -4.64 30.14 -7.19
CA LEU B 25 -5.97 30.72 -7.03
C LEU B 25 -5.99 32.17 -7.48
N ASN B 26 -5.02 32.96 -7.07
CA ASN B 26 -5.00 34.34 -7.44
C ASN B 26 -4.82 34.52 -8.94
N ASN B 27 -4.05 33.65 -9.56
CA ASN B 27 -3.93 33.67 -11.01
C ASN B 27 -5.24 33.32 -11.72
N ALA B 28 -5.96 32.36 -11.17
CA ALA B 28 -7.21 31.91 -11.76
C ALA B 28 -8.25 33.03 -11.79
N ARG B 29 -8.15 33.95 -10.85
CA ARG B 29 -9.08 35.08 -10.79
C ARG B 29 -9.13 35.83 -12.10
N THR B 30 -8.01 35.89 -12.80
CA THR B 30 -7.95 36.64 -14.06
C THR B 30 -7.38 35.78 -15.18
N LYS B 31 -7.73 34.50 -15.14
CA LYS B 31 -7.20 33.50 -16.08
C LYS B 31 -7.53 33.91 -17.52
N TRP B 32 -8.75 34.40 -17.71
CA TRP B 32 -9.21 34.89 -19.00
C TRP B 32 -9.62 36.33 -18.91
N SER B 33 -9.77 36.98 -20.06
CA SER B 33 -10.43 38.26 -20.14
C SER B 33 -11.78 38.14 -19.45
N ALA B 34 -12.17 39.17 -18.73
CA ALA B 34 -13.48 39.21 -18.10
C ALA B 34 -14.60 39.02 -19.13
N SER B 35 -14.31 39.39 -20.37
CA SER B 35 -15.30 39.23 -21.44
C SER B 35 -15.58 37.77 -21.78
N ARG B 36 -14.76 36.85 -21.29
CA ARG B 36 -15.04 35.41 -21.46
C ARG B 36 -16.03 34.88 -20.45
N ALA B 37 -16.51 35.72 -19.57
CA ALA B 37 -17.36 35.24 -18.47
C ALA B 37 -18.60 34.51 -18.97
N ASP B 38 -19.27 35.03 -19.97
CA ASP B 38 -20.47 34.38 -20.46
C ASP B 38 -20.18 33.01 -21.08
N VAL B 39 -19.10 32.89 -21.84
CA VAL B 39 -18.76 31.60 -22.42
C VAL B 39 -18.42 30.61 -21.31
N VAL B 40 -17.68 31.05 -20.29
CA VAL B 40 -17.38 30.20 -19.16
C VAL B 40 -18.68 29.73 -18.51
N LEU B 41 -19.56 30.68 -18.25
CA LEU B 41 -20.83 30.38 -17.61
C LEU B 41 -21.65 29.40 -18.44
N SER B 42 -21.54 29.51 -19.75
CA SER B 42 -22.35 28.69 -20.67
C SER B 42 -22.09 27.20 -20.57
N TYR B 43 -20.96 26.81 -20.00
CA TYR B 43 -20.63 25.40 -19.85
C TYR B 43 -20.90 24.83 -18.47
N GLN B 44 -21.30 25.65 -17.51
CA GLN B 44 -21.62 25.14 -16.19
C GLN B 44 -22.76 24.13 -16.30
N GLN B 45 -22.61 22.97 -15.69
CA GLN B 45 -23.65 21.97 -15.67
C GLN B 45 -24.71 22.31 -14.63
N ASN B 46 -25.84 21.63 -14.71
CA ASN B 46 -26.90 21.87 -13.76
C ASN B 46 -26.48 21.68 -12.32
N ASN B 47 -25.59 20.72 -12.09
CA ASN B 47 -25.12 20.44 -10.73
C ASN B 47 -24.16 21.47 -10.17
N GLY B 48 -23.76 22.44 -10.99
CA GLY B 48 -22.87 23.50 -10.55
C GLY B 48 -21.41 23.31 -10.94
N GLY B 49 -21.05 22.11 -11.34
CA GLY B 49 -19.71 21.86 -11.80
C GLY B 49 -19.57 22.07 -13.29
N TRP B 50 -18.33 22.12 -13.74
CA TRP B 50 -18.02 22.18 -15.17
C TRP B 50 -17.64 20.79 -15.65
N PRO B 51 -17.93 20.48 -16.91
CA PRO B 51 -17.90 19.08 -17.36
C PRO B 51 -16.58 18.55 -17.78
N LYS B 52 -15.65 19.46 -18.09
CA LYS B 52 -14.32 19.09 -18.55
C LYS B 52 -13.47 20.33 -18.56
N ASN B 53 -12.17 20.18 -18.80
CA ASN B 53 -11.27 21.31 -19.05
C ASN B 53 -11.59 21.89 -20.41
N LEU B 54 -11.76 23.21 -20.44
CA LEU B 54 -12.16 23.93 -21.66
C LEU B 54 -11.26 25.14 -21.86
N ASP B 55 -10.84 25.33 -23.10
CA ASP B 55 -10.06 26.51 -23.45
C ASP B 55 -11.05 27.58 -23.90
N TYR B 56 -11.40 28.46 -22.97
CA TYR B 56 -12.44 29.43 -23.24
C TYR B 56 -12.05 30.51 -24.24
N ASN B 57 -10.77 30.57 -24.60
CA ASN B 57 -10.33 31.48 -25.66
C ASN B 57 -10.58 30.95 -27.04
N SER B 58 -10.97 29.68 -27.16
CA SER B 58 -11.18 29.10 -28.47
C SER B 58 -12.48 28.33 -28.65
N VAL B 59 -13.10 27.86 -27.57
CA VAL B 59 -14.30 27.04 -27.71
C VAL B 59 -15.51 27.85 -28.14
N GLY B 60 -16.45 27.16 -28.77
CA GLY B 60 -17.72 27.75 -29.09
C GLY B 60 -18.57 27.87 -27.85
N ASN B 61 -19.76 28.42 -27.99
CA ASN B 61 -20.62 28.58 -26.85
C ASN B 61 -21.11 27.25 -26.34
N GLY B 62 -21.31 27.19 -25.03
CA GLY B 62 -21.82 26.03 -24.39
C GLY B 62 -23.32 26.09 -24.28
N GLY B 63 -23.88 24.94 -23.91
CA GLY B 63 -25.29 24.82 -23.66
C GLY B 63 -25.62 24.15 -22.34
N GLY B 64 -24.77 24.36 -21.35
CA GLY B 64 -24.97 23.80 -20.04
C GLY B 64 -24.85 22.30 -20.15
N GLY B 65 -25.78 21.61 -19.50
CA GLY B 65 -25.79 20.18 -19.52
C GLY B 65 -26.10 19.59 -18.17
N ASN B 66 -26.31 18.29 -18.20
CA ASN B 66 -26.68 17.53 -17.02
C ASN B 66 -25.64 16.48 -16.70
N GLU B 67 -24.42 16.66 -17.17
CA GLU B 67 -23.38 15.68 -16.93
C GLU B 67 -22.76 15.89 -15.57
N SER B 68 -21.99 14.91 -15.14
CA SER B 68 -21.20 15.10 -13.94
C SER B 68 -20.26 16.27 -14.09
N GLY B 69 -20.10 16.99 -12.99
CA GLY B 69 -19.08 17.98 -12.88
C GLY B 69 -17.78 17.30 -12.59
N THR B 70 -16.70 18.03 -12.78
CA THR B 70 -15.37 17.47 -12.55
C THR B 70 -14.41 18.50 -12.03
N ILE B 71 -13.41 18.02 -11.30
CA ILE B 71 -12.25 18.81 -10.94
C ILE B 71 -11.01 18.33 -11.69
N ASP B 72 -11.23 17.56 -12.74
CA ASP B 72 -10.15 17.15 -13.65
C ASP B 72 -9.56 18.38 -14.34
N ASN B 73 -8.25 18.45 -14.41
CA ASN B 73 -7.51 19.39 -15.24
C ASN B 73 -7.99 20.83 -15.03
N GLY B 74 -8.16 21.20 -13.78
CA GLY B 74 -8.51 22.56 -13.43
C GLY B 74 -9.98 22.91 -13.56
N ALA B 75 -10.80 21.98 -14.04
CA ALA B 75 -12.21 22.26 -14.21
C ALA B 75 -12.90 22.54 -12.89
N THR B 76 -13.92 23.39 -12.98
CA THR B 76 -14.78 23.85 -11.88
C THR B 76 -14.05 24.80 -10.97
N ILE B 77 -12.95 24.34 -10.40
CA ILE B 77 -12.19 25.18 -9.49
C ILE B 77 -11.69 26.45 -10.16
N THR B 78 -11.26 26.36 -11.41
CA THR B 78 -10.75 27.54 -12.09
C THR B 78 -11.87 28.47 -12.47
N GLU B 79 -12.91 27.92 -13.08
CA GLU B 79 -14.03 28.70 -13.51
C GLU B 79 -14.68 29.44 -12.37
N MET B 80 -14.83 28.78 -11.24
CA MET B 80 -15.56 29.41 -10.16
C MET B 80 -14.77 30.56 -9.55
N VAL B 81 -13.45 30.45 -9.51
CA VAL B 81 -12.62 31.53 -8.98
C VAL B 81 -12.66 32.72 -9.92
N PHE B 82 -12.53 32.42 -11.21
CA PHE B 82 -12.65 33.42 -12.25
C PHE B 82 -13.99 34.14 -12.19
N LEU B 83 -15.08 33.41 -12.16
CA LEU B 83 -16.39 34.05 -12.13
C LEU B 83 -16.64 34.83 -10.86
N ALA B 84 -16.06 34.37 -9.75
CA ALA B 84 -16.17 35.11 -8.52
C ALA B 84 -15.48 36.47 -8.68
N GLU B 85 -14.35 36.50 -9.35
CA GLU B 85 -13.64 37.75 -9.61
C GLU B 85 -14.45 38.65 -10.54
N VAL B 86 -15.06 38.07 -11.57
CA VAL B 86 -15.83 38.84 -12.49
C VAL B 86 -17.02 39.45 -11.75
N TYR B 87 -17.62 38.67 -10.85
CA TYR B 87 -18.71 39.18 -10.03
C TYR B 87 -18.22 40.33 -9.15
N LYS B 88 -17.08 40.13 -8.53
CA LYS B 88 -16.48 41.13 -7.66
C LYS B 88 -16.26 42.44 -8.40
N SER B 89 -15.77 42.35 -9.63
CA SER B 89 -15.38 43.52 -10.40
C SER B 89 -16.56 44.18 -11.10
N GLY B 90 -17.52 43.40 -11.55
CA GLY B 90 -18.61 43.91 -12.39
C GLY B 90 -20.02 43.87 -11.84
N GLY B 91 -20.23 43.11 -10.79
CA GLY B 91 -21.50 43.06 -10.10
C GLY B 91 -22.67 42.33 -10.70
N ASN B 92 -22.45 41.56 -11.76
CA ASN B 92 -23.54 40.84 -12.37
C ASN B 92 -23.83 39.58 -11.57
N THR B 93 -24.99 39.56 -10.95
CA THR B 93 -25.34 38.44 -10.05
C THR B 93 -25.52 37.10 -10.74
N LYS B 94 -25.60 37.02 -12.06
CA LYS B 94 -25.66 35.70 -12.66
C LYS B 94 -24.34 34.99 -12.42
N TYR B 95 -23.26 35.75 -12.32
CA TYR B 95 -21.96 35.14 -12.01
C TYR B 95 -21.88 34.76 -10.55
N ARG B 96 -22.41 35.59 -9.68
CA ARG B 96 -22.48 35.27 -8.27
C ARG B 96 -23.21 33.96 -8.11
N ASP B 97 -24.33 33.79 -8.81
CA ASP B 97 -25.15 32.60 -8.63
C ASP B 97 -24.42 31.35 -9.11
N ALA B 98 -23.69 31.50 -10.19
CA ALA B 98 -22.88 30.42 -10.72
C ALA B 98 -21.83 29.96 -9.70
N VAL B 99 -21.19 30.94 -9.07
CA VAL B 99 -20.19 30.64 -8.05
C VAL B 99 -20.81 29.91 -6.88
N ARG B 100 -21.97 30.37 -6.44
CA ARG B 100 -22.69 29.66 -5.37
C ARG B 100 -22.97 28.22 -5.74
N LYS B 101 -23.44 27.98 -6.95
CA LYS B 101 -23.72 26.63 -7.39
C LYS B 101 -22.44 25.79 -7.41
N ALA B 102 -21.33 26.40 -7.83
CA ALA B 102 -20.07 25.66 -7.93
C ALA B 102 -19.54 25.26 -6.57
N ALA B 103 -19.62 26.16 -5.60
CA ALA B 103 -19.18 25.85 -4.25
C ALA B 103 -20.05 24.75 -3.66
N ASN B 104 -21.35 24.84 -3.89
CA ASN B 104 -22.26 23.79 -3.45
C ASN B 104 -21.97 22.45 -4.11
N PHE B 105 -21.62 22.46 -5.40
CA PHE B 105 -21.20 21.26 -6.08
C PHE B 105 -20.01 20.62 -5.37
N LEU B 106 -19.00 21.42 -5.05
CA LEU B 106 -17.83 20.87 -4.39
C LEU B 106 -18.20 20.21 -3.07
N VAL B 107 -18.97 20.94 -2.27
CA VAL B 107 -19.37 20.41 -0.97
C VAL B 107 -20.24 19.16 -1.14
N ASN B 108 -21.19 19.21 -2.06
CA ASN B 108 -22.03 18.06 -2.32
C ASN B 108 -21.23 16.82 -2.71
N SER B 109 -20.13 17.05 -3.41
CA SER B 109 -19.31 15.97 -3.91
C SER B 109 -18.50 15.29 -2.82
N GLN B 110 -18.38 15.93 -1.67
CA GLN B 110 -17.43 15.45 -0.67
C GLN B 110 -17.96 14.25 0.07
N TYR B 111 -17.12 13.24 0.20
CA TYR B 111 -17.44 12.10 1.00
C TYR B 111 -17.44 12.48 2.48
N SER B 112 -18.04 11.61 3.29
CA SER B 112 -18.05 11.79 4.73
C SER B 112 -16.66 11.87 5.36
N THR B 113 -15.68 11.26 4.69
CA THR B 113 -14.29 11.26 5.13
C THR B 113 -13.55 12.53 4.76
N GLY B 114 -14.15 13.35 3.90
CA GLY B 114 -13.50 14.54 3.40
C GLY B 114 -12.96 14.44 1.99
N ALA B 115 -12.85 13.23 1.46
CA ALA B 115 -12.37 13.01 0.11
C ALA B 115 -13.24 13.76 -0.90
N LEU B 116 -12.57 14.30 -1.92
CA LEU B 116 -13.24 14.85 -3.09
C LEU B 116 -12.95 14.00 -4.30
N PRO B 117 -14.00 13.55 -4.98
CA PRO B 117 -13.85 12.72 -6.17
C PRO B 117 -13.52 13.57 -7.38
N GLN B 118 -13.02 12.90 -8.39
CA GLN B 118 -12.68 13.52 -9.66
C GLN B 118 -13.93 14.02 -10.39
N PHE B 119 -14.97 13.19 -10.40
CA PHE B 119 -16.24 13.49 -11.05
C PHE B 119 -17.36 13.26 -10.07
N TYR B 120 -18.39 14.10 -10.15
CA TYR B 120 -19.54 13.98 -9.27
C TYR B 120 -20.76 14.51 -10.01
N PRO B 121 -21.91 13.84 -9.96
CA PRO B 121 -22.15 12.56 -9.32
C PRO B 121 -21.18 11.49 -9.79
N LEU B 122 -20.95 10.56 -8.87
CA LEU B 122 -19.97 9.54 -9.05
C LEU B 122 -20.26 8.73 -10.29
N LYS B 123 -19.22 8.49 -11.07
CA LYS B 123 -19.29 7.77 -12.34
C LYS B 123 -18.81 6.33 -12.24
N GLY B 124 -18.19 5.99 -11.11
CA GLY B 124 -17.62 4.67 -10.91
C GLY B 124 -16.18 4.66 -11.35
N GLY B 125 -15.45 3.64 -10.93
CA GLY B 125 -14.05 3.50 -11.29
C GLY B 125 -13.19 4.50 -10.54
N TYR B 126 -12.03 4.74 -11.10
CA TYR B 126 -11.02 5.53 -10.39
C TYR B 126 -11.46 6.98 -10.18
N SER B 127 -12.42 7.44 -10.99
CA SER B 127 -12.93 8.79 -10.85
C SER B 127 -13.57 9.03 -9.49
N ASP B 128 -13.98 7.95 -8.83
CA ASP B 128 -14.64 8.05 -7.54
C ASP B 128 -13.64 8.27 -6.41
N HIS B 129 -12.38 7.99 -6.66
CA HIS B 129 -11.38 8.09 -5.61
C HIS B 129 -11.15 9.53 -5.18
N ALA B 130 -10.60 9.69 -3.98
CA ALA B 130 -10.04 10.98 -3.58
C ALA B 130 -8.99 11.35 -4.60
N THR B 131 -9.16 12.47 -5.28
CA THR B 131 -8.37 12.76 -6.46
C THR B 131 -7.48 13.95 -6.26
N PHE B 132 -6.21 13.68 -6.00
CA PHE B 132 -5.21 14.74 -5.93
C PHE B 132 -4.70 15.11 -7.30
N ASN B 133 -4.91 14.22 -8.27
CA ASN B 133 -4.53 14.41 -9.64
C ASN B 133 -4.91 15.80 -10.13
N ASP B 134 -4.02 16.41 -10.89
CA ASP B 134 -4.21 17.75 -11.44
C ASP B 134 -4.54 18.79 -10.36
N ASN B 135 -3.96 18.60 -9.17
CA ASN B 135 -4.22 19.45 -8.04
C ASN B 135 -5.68 19.56 -7.65
N GLY B 136 -6.48 18.56 -8.01
CA GLY B 136 -7.92 18.68 -7.90
C GLY B 136 -8.37 18.86 -6.46
N MET B 137 -8.14 17.86 -5.62
CA MET B 137 -8.65 17.94 -4.28
C MET B 137 -7.96 19.08 -3.52
N ALA B 138 -6.66 19.23 -3.65
CA ALA B 138 -5.95 20.25 -2.89
C ALA B 138 -6.41 21.63 -3.28
N TYR B 139 -6.57 21.89 -4.56
CA TYR B 139 -6.95 23.23 -4.98
C TYR B 139 -8.43 23.49 -4.75
N ALA B 140 -9.26 22.45 -4.85
CA ALA B 140 -10.67 22.61 -4.49
C ALA B 140 -10.77 23.00 -3.02
N LEU B 141 -10.00 22.34 -2.19
CA LEU B 141 -10.03 22.68 -0.77
C LEU B 141 -9.49 24.08 -0.55
N THR B 142 -8.51 24.48 -1.33
CA THR B 142 -7.99 25.85 -1.25
C THR B 142 -9.07 26.84 -1.61
N VAL B 143 -9.83 26.58 -2.65
CA VAL B 143 -10.93 27.45 -3.02
C VAL B 143 -11.92 27.56 -1.87
N LEU B 144 -12.34 26.42 -1.32
CA LEU B 144 -13.28 26.43 -0.21
C LEU B 144 -12.72 27.13 1.00
N ASP B 145 -11.42 27.00 1.23
CA ASP B 145 -10.78 27.66 2.35
C ASP B 145 -10.75 29.18 2.18
N PHE B 146 -10.43 29.62 0.98
CA PHE B 146 -10.49 31.04 0.68
C PHE B 146 -11.90 31.54 0.86
N ALA B 147 -12.88 30.79 0.37
CA ALA B 147 -14.27 31.15 0.57
C ALA B 147 -14.63 31.22 2.05
N ALA B 148 -14.25 30.19 2.79
CA ALA B 148 -14.58 30.12 4.22
C ALA B 148 -14.01 31.31 4.98
N ASN B 149 -12.85 31.79 4.55
CA ASN B 149 -12.13 32.86 5.24
C ASN B 149 -12.35 34.24 4.65
N LYS B 150 -13.31 34.34 3.73
CA LYS B 150 -13.70 35.59 3.10
C LYS B 150 -12.52 36.26 2.39
N ARG B 151 -11.66 35.43 1.80
CA ARG B 151 -10.55 35.93 1.05
C ARG B 151 -11.01 36.25 -0.36
N ALA B 152 -10.43 37.29 -0.93
CA ALA B 152 -10.72 37.66 -2.30
C ALA B 152 -10.47 36.46 -3.21
N PRO B 153 -11.33 36.21 -4.20
CA PRO B 153 -12.43 37.07 -4.61
C PRO B 153 -13.76 36.82 -3.94
N PHE B 154 -13.74 36.11 -2.82
CA PHE B 154 -14.95 35.69 -2.12
C PHE B 154 -15.32 36.62 -0.95
N ASP B 155 -14.83 37.85 -1.01
CA ASP B 155 -15.12 38.87 -0.01
C ASP B 155 -16.26 39.82 -0.44
N THR B 156 -17.15 39.31 -1.27
CA THR B 156 -18.33 40.02 -1.74
C THR B 156 -19.52 39.44 -0.99
N ASP B 157 -20.73 39.67 -1.50
CA ASP B 157 -21.94 39.04 -0.95
C ASP B 157 -22.19 37.65 -1.51
N VAL B 158 -21.22 37.09 -2.23
CA VAL B 158 -21.42 35.79 -2.82
C VAL B 158 -21.79 34.75 -1.78
N PHE B 159 -21.18 34.81 -0.60
CA PHE B 159 -21.44 33.82 0.43
C PHE B 159 -21.93 34.44 1.72
N SER B 160 -22.76 33.65 2.39
CA SER B 160 -23.30 33.99 3.70
C SER B 160 -22.42 33.39 4.79
N ASP B 161 -22.65 33.81 6.02
CA ASP B 161 -21.92 33.24 7.15
C ASP B 161 -22.17 31.76 7.22
N ASN B 162 -23.38 31.32 6.95
CA ASN B 162 -23.66 29.90 7.04
C ASN B 162 -22.96 29.13 5.95
N ASP B 163 -22.89 29.74 4.77
CA ASP B 163 -22.15 29.14 3.66
C ASP B 163 -20.74 28.91 4.12
N ARG B 164 -20.13 29.94 4.69
CA ARG B 164 -18.77 29.86 5.17
C ARG B 164 -18.57 28.81 6.24
N THR B 165 -19.54 28.63 7.13
CA THR B 165 -19.48 27.54 8.10
C THR B 165 -19.41 26.17 7.41
N ARG B 166 -20.24 25.99 6.38
CA ARG B 166 -20.29 24.77 5.61
C ARG B 166 -18.95 24.53 4.94
N PHE B 167 -18.36 25.58 4.41
CA PHE B 167 -17.09 25.47 3.71
C PHE B 167 -15.98 25.15 4.69
N LYS B 168 -16.00 25.80 5.84
CA LYS B 168 -15.01 25.51 6.87
C LYS B 168 -15.08 24.04 7.27
N THR B 169 -16.29 23.50 7.42
CA THR B 169 -16.43 22.09 7.71
C THR B 169 -15.85 21.23 6.61
N ALA B 170 -16.14 21.60 5.38
CA ALA B 170 -15.60 20.85 4.26
C ALA B 170 -14.08 20.87 4.23
N VAL B 171 -13.51 22.02 4.51
CA VAL B 171 -12.06 22.17 4.53
C VAL B 171 -11.46 21.36 5.65
N THR B 172 -12.11 21.38 6.81
CA THR B 172 -11.64 20.61 7.95
C THR B 172 -11.65 19.13 7.65
N LYS B 173 -12.74 18.66 7.05
CA LYS B 173 -12.85 17.27 6.69
C LYS B 173 -11.80 16.90 5.65
N GLY B 174 -11.58 17.78 4.68
CA GLY B 174 -10.60 17.53 3.63
C GLY B 174 -9.19 17.47 4.20
N THR B 175 -8.91 18.34 5.15
CA THR B 175 -7.61 18.33 5.82
C THR B 175 -7.42 17.01 6.58
N ASP B 176 -8.46 16.60 7.29
CA ASP B 176 -8.41 15.37 8.04
C ASP B 176 -8.13 14.21 7.09
N TYR B 177 -8.80 14.20 5.95
CA TYR B 177 -8.58 13.17 4.95
C TYR B 177 -7.12 13.15 4.51
N ILE B 178 -6.60 14.32 4.17
CA ILE B 178 -5.24 14.43 3.72
C ILE B 178 -4.27 13.90 4.76
N LEU B 179 -4.46 14.27 6.01
CA LEU B 179 -3.57 13.81 7.06
C LEU B 179 -3.63 12.30 7.22
N LYS B 180 -4.83 11.73 7.13
CA LYS B 180 -4.98 10.27 7.25
C LYS B 180 -4.42 9.52 6.06
N ALA B 181 -4.47 10.15 4.89
CA ALA B 181 -4.03 9.52 3.67
C ALA B 181 -2.52 9.58 3.47
N GLN B 182 -1.87 10.52 4.15
CA GLN B 182 -0.45 10.71 3.97
C GLN B 182 0.27 9.37 4.20
N TRP B 183 1.12 9.00 3.28
CA TRP B 183 1.68 7.67 3.27
C TRP B 183 2.85 7.55 4.23
N LYS B 184 2.81 6.49 5.03
CA LYS B 184 3.91 6.15 5.91
C LYS B 184 4.76 5.11 5.21
N GLN B 185 5.96 5.51 4.84
CA GLN B 185 6.88 4.69 4.12
C GLN B 185 7.80 4.08 5.14
N ASN B 186 7.54 2.84 5.49
CA ASN B 186 8.31 2.14 6.50
C ASN B 186 8.46 2.97 7.76
N GLY B 187 7.35 3.53 8.18
CA GLY B 187 7.28 4.26 9.44
C GLY B 187 7.52 5.75 9.36
N VAL B 188 7.84 6.25 8.17
CA VAL B 188 8.18 7.65 7.97
C VAL B 188 7.11 8.30 7.10
N LEU B 189 6.54 9.37 7.60
CA LEU B 189 5.56 10.12 6.85
C LEU B 189 6.20 10.70 5.61
N THR B 190 5.54 10.51 4.48
CA THR B 190 6.04 11.00 3.21
C THR B 190 5.00 11.91 2.55
N VAL B 191 4.39 11.45 1.45
CA VAL B 191 3.49 12.28 0.68
C VAL B 191 2.25 11.44 0.28
N TRP B 192 1.69 11.72 -0.89
CA TRP B 192 0.43 11.13 -1.32
C TRP B 192 0.56 10.55 -2.69
N CYS B 193 -0.28 9.57 -2.96
CA CYS B 193 -0.54 9.11 -4.30
C CYS B 193 -1.44 10.11 -5.01
N ALA B 194 -1.47 10.07 -6.33
CA ALA B 194 -2.34 10.98 -7.09
C ALA B 194 -3.82 10.69 -6.83
N GLN B 195 -4.13 9.49 -6.37
CA GLN B 195 -5.50 9.15 -5.98
C GLN B 195 -5.46 8.13 -4.88
N HIS B 196 -6.40 8.28 -3.95
CA HIS B 196 -6.52 7.42 -2.76
C HIS B 196 -7.95 6.98 -2.59
N GLY B 197 -8.14 5.89 -1.88
CA GLY B 197 -9.49 5.40 -1.64
C GLY B 197 -10.26 6.39 -0.79
N ALA B 198 -11.46 6.74 -1.24
CA ALA B 198 -12.25 7.74 -0.56
C ALA B 198 -12.61 7.29 0.85
N LEU B 199 -12.77 5.98 1.02
CA LEU B 199 -13.15 5.41 2.33
C LEU B 199 -12.01 4.74 3.06
N ASP B 200 -11.06 4.16 2.32
CA ASP B 200 -10.01 3.36 2.94
C ASP B 200 -8.65 4.07 3.03
N TYR B 201 -8.55 5.26 2.43
CA TYR B 201 -7.35 6.11 2.47
C TYR B 201 -6.14 5.54 1.74
N GLN B 202 -6.29 4.36 1.14
CA GLN B 202 -5.15 3.67 0.54
C GLN B 202 -4.79 4.26 -0.83
N PRO B 203 -3.52 4.25 -1.22
CA PRO B 203 -3.19 4.59 -2.60
C PRO B 203 -3.92 3.69 -3.57
N LYS B 204 -4.37 4.28 -4.65
CA LYS B 204 -5.06 3.58 -5.72
C LYS B 204 -4.44 3.87 -7.08
N LYS B 205 -4.75 3.01 -8.04
CA LYS B 205 -4.45 3.26 -9.45
C LYS B 205 -5.50 4.19 -10.04
N ALA B 206 -5.15 4.76 -11.16
CA ALA B 206 -6.12 5.51 -11.96
C ALA B 206 -6.18 4.86 -13.34
N ARG B 207 -5.65 5.51 -14.35
CA ARG B 207 -5.61 4.92 -15.67
C ARG B 207 -4.56 3.82 -15.69
N ALA B 208 -4.41 3.12 -16.80
CA ALA B 208 -3.62 1.90 -16.84
C ALA B 208 -2.19 2.14 -16.46
N TYR B 209 -1.70 3.32 -16.79
CA TYR B 209 -0.29 3.69 -16.61
C TYR B 209 -0.08 4.58 -15.38
N GLU B 210 -1.10 4.65 -14.52
CA GLU B 210 -1.08 5.47 -13.31
C GLU B 210 -1.22 4.56 -12.11
N LEU B 211 -0.10 4.08 -11.61
CA LEU B 211 -0.09 3.06 -10.60
C LEU B 211 -0.01 3.62 -9.19
N GLU B 212 -0.27 2.75 -8.24
CA GLU B 212 -0.11 3.07 -6.83
C GLU B 212 1.32 3.49 -6.58
N SER B 213 1.49 4.62 -5.93
CA SER B 213 2.77 5.27 -5.88
C SER B 213 2.66 6.50 -5.02
N LEU B 214 3.82 7.06 -4.70
CA LEU B 214 3.89 8.43 -4.25
C LEU B 214 3.97 9.32 -5.47
N SER B 215 3.17 10.38 -5.47
CA SER B 215 3.11 11.29 -6.58
C SER B 215 4.05 12.44 -6.38
N GLY B 216 5.07 12.48 -7.23
CA GLY B 216 5.97 13.62 -7.25
C GLY B 216 5.28 14.88 -7.73
N SER B 217 4.31 14.71 -8.61
CA SER B 217 3.64 15.81 -9.28
C SER B 217 2.56 16.41 -8.42
N GLU B 218 1.75 15.60 -7.79
CA GLU B 218 0.58 16.11 -7.08
C GLU B 218 0.81 16.45 -5.62
N SER B 219 1.88 15.90 -5.05
CA SER B 219 2.05 16.11 -3.63
C SER B 219 2.44 17.54 -3.27
N VAL B 220 2.97 18.28 -4.23
CA VAL B 220 3.31 19.68 -4.01
C VAL B 220 2.08 20.46 -3.64
N GLY B 221 1.01 20.32 -4.40
CA GLY B 221 -0.20 21.06 -4.13
C GLY B 221 -0.85 20.71 -2.83
N VAL B 222 -0.76 19.44 -2.46
CA VAL B 222 -1.30 19.00 -1.18
C VAL B 222 -0.55 19.70 -0.04
N LEU B 223 0.76 19.71 -0.11
CA LEU B 223 1.55 20.40 0.89
C LEU B 223 1.23 21.90 0.90
N ALA B 224 1.07 22.49 -0.26
CA ALA B 224 0.73 23.90 -0.35
C ALA B 224 -0.60 24.15 0.31
N PHE B 225 -1.59 23.32 0.02
CA PHE B 225 -2.86 23.46 0.69
C PHE B 225 -2.69 23.35 2.21
N LEU B 226 -1.98 22.35 2.68
CA LEU B 226 -1.82 22.21 4.14
C LEU B 226 -1.17 23.46 4.71
N MET B 227 -0.27 24.07 3.97
CA MET B 227 0.41 25.27 4.41
C MET B 227 -0.49 26.49 4.52
N THR B 228 -1.69 26.42 3.96
CA THR B 228 -2.68 27.47 4.15
C THR B 228 -3.45 27.34 5.44
N GLN B 229 -3.36 26.18 6.07
CA GLN B 229 -4.16 25.86 7.23
C GLN B 229 -3.45 26.26 8.52
N PRO B 230 -4.22 26.43 9.60
CA PRO B 230 -3.59 26.63 10.89
C PRO B 230 -2.61 25.51 11.14
N GLN B 231 -1.39 25.89 11.46
CA GLN B 231 -0.30 24.95 11.62
C GLN B 231 -0.34 24.31 13.00
N THR B 232 -1.24 23.39 13.19
CA THR B 232 -1.27 22.61 14.41
C THR B 232 0.01 21.80 14.47
N ALA B 233 0.29 21.19 15.60
CA ALA B 233 1.49 20.38 15.73
C ALA B 233 1.51 19.29 14.67
N GLU B 234 0.36 18.68 14.45
CA GLU B 234 0.27 17.56 13.54
C GLU B 234 0.44 18.03 12.10
N ILE B 235 -0.19 19.13 11.73
CA ILE B 235 -0.09 19.66 10.38
C ILE B 235 1.33 20.11 10.11
N GLU B 236 1.97 20.79 11.05
CA GLU B 236 3.35 21.18 10.86
C GLU B 236 4.22 19.95 10.62
N GLN B 237 4.04 18.91 11.40
CA GLN B 237 4.81 17.69 11.25
C GLN B 237 4.56 17.09 9.87
N ALA B 238 3.30 17.08 9.45
CA ALA B 238 2.92 16.48 8.16
C ALA B 238 3.58 17.24 7.01
N VAL B 239 3.51 18.55 7.07
CA VAL B 239 4.09 19.38 6.03
C VAL B 239 5.60 19.22 6.01
N ARG B 240 6.22 19.29 7.17
CA ARG B 240 7.66 19.17 7.24
C ARG B 240 8.11 17.82 6.69
N ALA B 241 7.33 16.78 6.97
CA ALA B 241 7.68 15.44 6.48
C ALA B 241 7.59 15.41 4.96
N GLY B 242 6.53 16.00 4.42
CA GLY B 242 6.38 15.97 2.97
C GLY B 242 7.45 16.79 2.28
N VAL B 243 7.76 17.96 2.83
CA VAL B 243 8.81 18.80 2.27
C VAL B 243 10.15 18.08 2.35
N ALA B 244 10.42 17.42 3.47
CA ALA B 244 11.64 16.66 3.62
C ALA B 244 11.75 15.56 2.57
N TRP B 245 10.62 14.94 2.26
CA TRP B 245 10.62 13.89 1.25
C TRP B 245 10.97 14.50 -0.09
N PHE B 246 10.39 15.63 -0.46
CA PHE B 246 10.76 16.26 -1.72
C PHE B 246 12.20 16.71 -1.76
N ASN B 247 12.71 17.16 -0.61
CA ASN B 247 14.05 17.70 -0.52
C ASN B 247 15.11 16.64 -0.25
N SER B 248 14.75 15.36 -0.29
CA SER B 248 15.69 14.29 -0.02
C SER B 248 16.40 13.88 -1.26
N PRO B 249 17.72 13.67 -1.18
CA PRO B 249 18.47 13.08 -2.28
C PRO B 249 18.06 11.65 -2.61
N ARG B 250 17.28 11.04 -1.73
CA ARG B 250 16.72 9.71 -2.01
C ARG B 250 15.40 9.80 -2.73
N THR B 251 14.94 11.02 -2.97
CA THR B 251 13.76 11.28 -3.76
C THR B 251 14.12 11.90 -5.09
N TYR B 252 14.76 13.06 -5.07
CA TYR B 252 15.08 13.70 -6.33
C TYR B 252 16.26 13.02 -6.97
N LEU B 253 16.31 13.13 -8.30
CA LEU B 253 17.41 12.68 -9.12
C LEU B 253 18.30 13.88 -9.35
N GLU B 254 19.44 13.86 -8.67
CA GLU B 254 20.35 14.98 -8.73
C GLU B 254 21.03 15.05 -10.06
N GLY B 255 21.16 16.27 -10.57
CA GLY B 255 21.94 16.52 -11.75
C GLY B 255 21.28 16.09 -13.04
N TYR B 256 19.96 15.97 -13.03
CA TYR B 256 19.16 15.64 -14.19
C TYR B 256 18.01 16.60 -14.24
N THR B 257 17.44 16.65 -15.44
CA THR B 257 16.23 17.38 -15.67
C THR B 257 15.37 16.64 -16.66
N TYR B 258 14.08 16.95 -16.69
CA TYR B 258 13.17 16.34 -17.63
C TYR B 258 12.94 17.29 -18.78
N ASP B 259 13.33 16.85 -19.96
CA ASP B 259 13.25 17.68 -21.15
C ASP B 259 12.37 16.96 -22.16
N SER B 260 11.09 17.32 -22.15
CA SER B 260 10.09 16.70 -23.03
C SER B 260 10.45 16.75 -24.51
N SER B 261 11.24 17.75 -24.91
CA SER B 261 11.68 17.86 -26.31
C SER B 261 12.52 16.67 -26.74
N LEU B 262 13.04 15.92 -25.78
CA LEU B 262 13.91 14.81 -26.01
C LEU B 262 13.20 13.46 -25.78
N ALA B 263 11.89 13.49 -25.63
CA ALA B 263 11.12 12.31 -25.23
C ALA B 263 11.06 11.22 -26.30
N ALA B 264 11.41 11.53 -27.54
CA ALA B 264 11.43 10.48 -28.58
C ALA B 264 12.24 9.28 -28.12
N THR B 265 13.34 9.54 -27.43
CA THR B 265 14.15 8.44 -26.96
C THR B 265 14.29 8.46 -25.45
N ASN B 266 14.61 9.61 -24.87
CA ASN B 266 14.76 9.68 -23.42
C ASN B 266 14.78 11.13 -22.96
N PRO B 267 13.72 11.57 -22.27
CA PRO B 267 13.63 12.96 -21.79
C PRO B 267 14.37 13.21 -20.49
N ILE B 268 14.91 12.18 -19.86
CA ILE B 268 15.61 12.33 -18.58
C ILE B 268 17.07 12.49 -18.92
N VAL B 269 17.55 13.72 -18.81
CA VAL B 269 18.85 14.06 -19.32
C VAL B 269 19.71 14.74 -18.26
N PRO B 270 21.00 14.51 -18.29
CA PRO B 270 21.88 15.18 -17.32
C PRO B 270 21.82 16.66 -17.52
N ARG B 271 21.82 17.37 -16.40
CA ARG B 271 21.95 18.81 -16.40
C ARG B 271 22.54 19.17 -15.06
N ALA B 272 23.80 19.56 -15.08
CA ALA B 272 24.50 19.95 -13.88
C ALA B 272 23.72 21.05 -13.20
N GLY B 273 23.59 20.95 -11.88
CA GLY B 273 22.93 21.97 -11.08
C GLY B 273 21.43 21.83 -11.02
N SER B 274 20.88 20.85 -11.73
CA SER B 274 19.45 20.62 -11.74
C SER B 274 19.10 19.45 -10.85
N LYS B 275 17.82 19.28 -10.65
CA LYS B 275 17.27 18.13 -9.94
C LYS B 275 15.97 17.80 -10.65
N MET B 276 15.61 16.53 -10.63
CA MET B 276 14.39 16.06 -11.25
C MET B 276 13.64 15.21 -10.27
N TRP B 277 12.33 15.33 -10.28
CA TRP B 277 11.47 14.44 -9.51
C TRP B 277 10.70 13.58 -10.48
N TYR B 278 10.53 12.33 -10.11
CA TYR B 278 9.67 11.44 -10.84
C TYR B 278 8.23 11.74 -10.59
N ARG B 279 7.41 11.48 -11.58
CA ARG B 279 5.98 11.55 -11.37
C ARG B 279 5.46 10.45 -10.43
N PHE B 280 6.11 9.29 -10.47
CA PHE B 280 5.72 8.14 -9.70
C PHE B 280 6.91 7.59 -8.95
N TYR B 281 6.73 7.39 -7.65
CA TYR B 281 7.70 6.72 -6.80
C TYR B 281 7.09 5.51 -6.15
N ASP B 282 7.89 4.46 -6.04
CA ASP B 282 7.44 3.28 -5.34
C ASP B 282 7.13 3.59 -3.88
N LEU B 283 5.98 3.14 -3.42
CA LEU B 283 5.50 3.43 -2.09
C LEU B 283 6.48 3.00 -1.01
N ASN B 284 7.11 1.86 -1.23
CA ASN B 284 7.98 1.26 -0.25
C ASN B 284 9.46 1.49 -0.42
N THR B 285 9.97 1.55 -1.65
CA THR B 285 11.39 1.75 -1.86
C THR B 285 11.78 3.16 -2.30
N ASN B 286 10.78 3.97 -2.60
CA ASN B 286 11.02 5.31 -3.09
C ASN B 286 11.75 5.37 -4.41
N ARG B 287 11.69 4.31 -5.20
CA ARG B 287 12.30 4.28 -6.51
C ARG B 287 11.36 4.92 -7.53
N GLY B 288 11.89 5.85 -8.30
CA GLY B 288 11.13 6.40 -9.40
C GLY B 288 10.83 5.32 -10.43
N PHE B 289 9.61 5.32 -10.97
CA PHE B 289 9.25 4.29 -11.92
C PHE B 289 8.35 4.80 -13.02
N PHE B 290 8.21 3.93 -14.02
CA PHE B 290 7.42 4.20 -15.19
C PHE B 290 6.40 3.10 -15.36
N SER B 291 5.41 3.42 -16.17
CA SER B 291 4.41 2.47 -16.58
C SER B 291 4.09 2.65 -18.05
N ASP B 292 3.03 2.00 -18.48
CA ASP B 292 2.73 1.99 -19.91
C ASP B 292 1.28 1.53 -20.04
N ARG B 293 0.80 1.43 -21.27
CA ARG B 293 -0.60 1.08 -21.44
C ARG B 293 -0.93 -0.32 -20.98
N ASP B 294 0.09 -1.18 -20.90
CA ASP B 294 -0.10 -2.52 -20.35
C ASP B 294 -0.11 -2.59 -18.84
N GLY B 295 0.01 -1.45 -18.18
CA GLY B 295 -0.02 -1.43 -16.74
C GLY B 295 1.21 -1.99 -16.04
N SER B 296 2.29 -2.18 -16.81
CA SER B 296 3.51 -2.71 -16.25
C SER B 296 4.22 -1.61 -15.47
N LYS B 297 5.18 -2.03 -14.66
CA LYS B 297 5.94 -1.14 -13.82
C LYS B 297 7.40 -1.47 -14.08
N PHE B 298 8.16 -0.47 -14.46
CA PHE B 298 9.53 -0.69 -14.89
C PHE B 298 10.34 0.56 -14.65
N TYR B 299 11.65 0.46 -14.86
CA TYR B 299 12.58 1.47 -14.34
C TYR B 299 13.46 2.10 -15.38
N ASP B 300 13.23 1.78 -16.64
CA ASP B 300 14.01 2.34 -17.74
C ASP B 300 13.02 2.90 -18.73
N ILE B 301 13.01 4.21 -18.87
CA ILE B 301 12.00 4.87 -19.67
C ILE B 301 12.15 4.54 -21.14
N THR B 302 13.33 4.08 -21.56
CA THR B 302 13.52 3.69 -22.96
C THR B 302 12.79 2.38 -23.29
N GLN B 303 12.31 1.65 -22.26
CA GLN B 303 11.52 0.42 -22.44
C GLN B 303 10.06 0.76 -22.75
N MET B 304 9.68 2.01 -22.57
CA MET B 304 8.29 2.43 -22.71
C MET B 304 7.89 2.55 -24.17
N SER B 305 6.62 2.31 -24.46
CA SER B 305 6.08 2.63 -25.76
C SER B 305 6.37 4.08 -26.12
N LEU B 306 6.60 4.31 -27.40
CA LEU B 306 6.86 5.64 -27.91
C LEU B 306 5.75 6.60 -27.55
N GLU B 307 4.51 6.17 -27.73
CA GLU B 307 3.39 7.06 -27.52
C GLU B 307 3.25 7.48 -26.05
N ARG B 308 3.52 6.57 -25.11
CA ARG B 308 3.43 6.95 -23.70
C ARG B 308 4.62 7.77 -23.27
N ARG B 309 5.79 7.54 -23.85
CA ARG B 309 6.96 8.33 -23.47
C ARG B 309 6.83 9.77 -23.97
N THR B 310 6.26 9.95 -25.16
CA THR B 310 6.09 11.29 -25.73
C THR B 310 4.80 11.96 -25.31
N GLY B 311 3.80 11.18 -24.96
CA GLY B 311 2.46 11.68 -24.71
C GLY B 311 2.11 11.99 -23.26
N TYR B 312 3.03 11.70 -22.36
CA TYR B 312 2.77 11.87 -20.93
C TYR B 312 4.11 12.21 -20.29
N SER B 313 4.12 13.11 -19.31
CA SER B 313 5.38 13.44 -18.66
C SER B 313 5.59 12.54 -17.47
N TRP B 314 6.78 12.02 -17.38
CA TRP B 314 7.13 11.04 -16.36
C TRP B 314 7.97 11.60 -15.25
N GLY B 315 8.28 12.88 -15.32
CA GLY B 315 9.06 13.55 -14.29
C GLY B 315 9.09 15.02 -14.58
N GLY B 316 9.69 15.78 -13.68
CA GLY B 316 9.69 17.21 -13.82
C GLY B 316 10.31 17.89 -12.66
N ASN B 317 10.21 19.20 -12.68
CA ASN B 317 10.80 20.08 -11.67
C ASN B 317 9.87 20.27 -10.48
N TYR B 318 9.14 19.23 -10.12
CA TYR B 318 8.00 19.42 -9.24
C TYR B 318 8.32 20.00 -7.88
N GLY B 319 9.42 19.55 -7.30
CA GLY B 319 9.71 19.90 -5.92
C GLY B 319 10.19 21.31 -5.73
N THR B 320 10.75 21.92 -6.76
CA THR B 320 11.38 23.22 -6.59
C THR B 320 10.44 24.22 -5.95
N SER B 321 9.22 24.31 -6.42
CA SER B 321 8.34 25.34 -5.92
C SER B 321 8.06 25.16 -4.44
N ILE B 322 7.80 23.94 -3.99
CA ILE B 322 7.50 23.72 -2.58
C ILE B 322 8.74 23.84 -1.72
N ILE B 323 9.88 23.42 -2.23
CA ILE B 323 11.11 23.55 -1.49
C ILE B 323 11.45 25.01 -1.31
N ASN B 324 11.30 25.81 -2.36
CA ASN B 324 11.62 27.23 -2.24
C ASN B 324 10.69 27.90 -1.23
N PHE B 325 9.41 27.56 -1.28
CA PHE B 325 8.45 28.13 -0.35
C PHE B 325 8.69 27.65 1.08
N ALA B 326 8.98 26.37 1.25
CA ALA B 326 9.32 25.83 2.56
C ALA B 326 10.56 26.51 3.14
N GLN B 327 11.54 26.77 2.30
CA GLN B 327 12.77 27.43 2.75
C GLN B 327 12.40 28.80 3.30
N LYS B 328 11.55 29.50 2.55
CA LYS B 328 11.11 30.84 2.94
C LYS B 328 10.50 30.88 4.33
N VAL B 329 9.66 29.89 4.63
CA VAL B 329 8.94 29.86 5.91
C VAL B 329 9.62 28.96 6.98
N GLY B 330 10.84 28.53 6.71
CA GLY B 330 11.63 27.80 7.69
C GLY B 330 11.13 26.39 7.96
N TYR B 331 10.48 25.80 6.98
CA TYR B 331 9.99 24.42 7.10
C TYR B 331 10.97 23.46 6.47
N LEU B 332 12.14 24.01 6.18
CA LEU B 332 13.23 23.31 5.59
C LEU B 332 14.48 23.59 6.41
C1 GOL C . 10.00 -2.70 10.53
O1 GOL C . 10.44 -2.28 9.26
C2 GOL C . 10.61 -4.07 10.72
O2 GOL C . 10.55 -4.42 12.07
C3 GOL C . 9.94 -5.14 9.87
O3 GOL C . 8.74 -4.78 9.19
C1 GOL D . 10.28 -22.42 27.67
O1 GOL D . 10.22 -22.81 26.31
C2 GOL D . 10.13 -20.92 27.50
O2 GOL D . 11.22 -20.27 28.09
C3 GOL D . 8.74 -20.50 27.92
O3 GOL D . 8.73 -19.16 28.34
C1 GOL E . 13.43 -28.79 7.17
O1 GOL E . 13.33 -29.27 5.85
C2 GOL E . 14.78 -28.10 7.32
O2 GOL E . 15.83 -29.01 7.07
C3 GOL E . 14.88 -27.57 8.74
O3 GOL E . 16.07 -26.81 8.80
C1 GOL F . -8.38 25.53 -16.63
O1 GOL F . -7.27 25.79 -17.47
C2 GOL F . -9.72 25.59 -17.38
O2 GOL F . -9.51 25.50 -18.77
C3 GOL F . -10.68 24.52 -16.87
O3 GOL F . -11.76 24.33 -17.74
#